data_6TLB
#
_entry.id   6TLB
#
_cell.length_a   63.993
_cell.length_b   92.250
_cell.length_c   214.502
_cell.angle_alpha   90.00
_cell.angle_beta   98.35
_cell.angle_gamma   90.00
#
_symmetry.space_group_name_H-M   'I 1 2 1'
#
loop_
_entity.id
_entity.type
_entity.pdbx_description
1 polymer 'Serine/threonine protein kinase'
2 non-polymer GLYCEROL
3 non-polymer 'SODIUM ION'
4 water water
#
_entity_poly.entity_id   1
_entity_poly.type   'polypeptide(L)'
_entity_poly.pdbx_seq_one_letter_code
;PGNDNNNVNNDGVVHVLSKNIDVKNLQGTFYEIATNASDKIFPGLACRCTKYEFSGLKRDGNLGYVLINFSCARNFIFGE
KKSEMTFKLILNKPLDENTTTVEEFNASIYLVQGNQQILLNGNINIIYAELNEQNEFEHLILGGQKSIEPMIIMSKYRTV
LLDTYNKLINSLYLAGYEPSLLTWPFIIQTDQTFCD
;
_entity_poly.pdbx_strand_id   A,B,C,D
#
# COMPACT_ATOMS: atom_id res chain seq x y z
N GLY A 12 -1.14 -33.24 -13.24
CA GLY A 12 -0.65 -32.05 -12.44
C GLY A 12 0.12 -31.03 -13.28
N VAL A 13 -0.37 -30.76 -14.50
CA VAL A 13 0.32 -29.94 -15.53
C VAL A 13 -0.08 -28.48 -15.37
N VAL A 14 0.90 -27.58 -15.35
CA VAL A 14 0.66 -26.12 -15.25
C VAL A 14 0.92 -25.53 -16.64
N HIS A 15 0.10 -24.58 -17.06
CA HIS A 15 0.20 -23.86 -18.35
C HIS A 15 0.46 -22.39 -18.06
N VAL A 16 1.08 -21.72 -19.02
CA VAL A 16 1.30 -20.26 -19.00
C VAL A 16 -0.07 -19.58 -19.10
N LEU A 17 -0.26 -18.50 -18.33
CA LEU A 17 -1.38 -17.53 -18.51
C LEU A 17 -0.89 -16.39 -19.41
N SER A 18 0.19 -15.71 -19.00
CA SER A 18 0.75 -14.50 -19.68
C SER A 18 1.42 -14.87 -21.01
N LYS A 19 0.74 -14.60 -22.13
CA LYS A 19 1.28 -14.83 -23.49
C LYS A 19 1.71 -13.47 -24.07
N ASN A 20 2.43 -13.51 -25.20
CA ASN A 20 2.89 -12.34 -25.99
C ASN A 20 3.65 -11.38 -25.07
N ILE A 21 4.69 -11.91 -24.43
CA ILE A 21 5.51 -11.21 -23.40
C ILE A 21 6.70 -10.52 -24.06
N ASP A 22 6.82 -9.20 -23.84
CA ASP A 22 7.96 -8.39 -24.33
C ASP A 22 9.18 -8.63 -23.43
N VAL A 23 10.11 -9.44 -23.94
CA VAL A 23 11.38 -9.84 -23.25
C VAL A 23 12.22 -8.59 -23.01
N LYS A 24 12.07 -7.54 -23.83
CA LYS A 24 12.95 -6.35 -23.75
C LYS A 24 12.98 -5.89 -22.29
N ASN A 25 11.79 -5.79 -21.67
CA ASN A 25 11.55 -5.11 -20.37
C ASN A 25 11.64 -6.10 -19.21
N LEU A 26 12.15 -7.30 -19.46
CA LEU A 26 12.53 -8.24 -18.38
C LEU A 26 13.98 -7.92 -17.98
N GLN A 27 14.18 -6.73 -17.40
CA GLN A 27 15.45 -6.31 -16.75
C GLN A 27 15.11 -5.75 -15.38
N GLY A 28 16.10 -5.53 -14.54
CA GLY A 28 15.94 -4.83 -13.26
C GLY A 28 15.98 -5.78 -12.08
N THR A 29 15.64 -5.26 -10.89
CA THR A 29 15.71 -6.01 -9.62
C THR A 29 14.31 -6.50 -9.25
N PHE A 30 14.12 -7.82 -9.18
CA PHE A 30 12.93 -8.40 -8.54
C PHE A 30 13.33 -9.06 -7.24
N TYR A 31 12.54 -8.83 -6.20
CA TYR A 31 12.67 -9.50 -4.89
C TYR A 31 11.79 -10.75 -4.91
N GLU A 32 12.38 -11.85 -4.43
CA GLU A 32 11.69 -13.13 -4.23
C GLU A 32 10.69 -12.92 -3.11
N ILE A 33 9.41 -13.15 -3.38
CA ILE A 33 8.32 -13.10 -2.35
C ILE A 33 8.11 -14.49 -1.73
N ALA A 34 7.97 -15.51 -2.57
CA ALA A 34 7.59 -16.88 -2.19
C ALA A 34 8.08 -17.88 -3.25
N THR A 35 8.43 -19.07 -2.79
CA THR A 35 8.90 -20.20 -3.63
C THR A 35 8.06 -21.42 -3.25
N ASN A 36 8.15 -22.51 -4.03
CA ASN A 36 7.69 -23.82 -3.53
C ASN A 36 8.90 -24.51 -2.89
N ALA A 37 8.71 -25.68 -2.26
CA ALA A 37 9.76 -26.38 -1.50
C ALA A 37 10.85 -26.86 -2.47
N SER A 38 10.44 -27.27 -3.67
CA SER A 38 11.33 -27.75 -4.77
C SER A 38 12.45 -26.75 -5.07
N ASP A 39 12.17 -25.45 -5.04
CA ASP A 39 13.15 -24.39 -5.42
C ASP A 39 14.25 -24.25 -4.35
N LYS A 40 14.03 -24.72 -3.12
CA LYS A 40 15.04 -24.65 -2.02
C LYS A 40 16.18 -25.66 -2.32
N ILE A 41 15.87 -26.68 -3.11
CA ILE A 41 16.88 -27.73 -3.43
C ILE A 41 18.15 -27.08 -3.96
N PHE A 42 18.04 -26.16 -4.92
CA PHE A 42 19.33 -25.63 -5.40
C PHE A 42 19.83 -24.41 -4.61
N PRO A 43 19.61 -23.15 -5.04
CA PRO A 43 20.33 -22.05 -4.44
C PRO A 43 19.61 -21.36 -3.30
N GLY A 44 18.35 -21.72 -3.11
CA GLY A 44 17.52 -20.91 -2.20
C GLY A 44 17.50 -21.36 -0.74
N LEU A 45 18.23 -22.42 -0.34
CA LEU A 45 18.07 -22.93 1.04
C LEU A 45 18.66 -21.95 2.06
N ALA A 46 17.87 -21.61 3.08
CA ALA A 46 18.25 -20.71 4.21
C ALA A 46 18.55 -19.29 3.73
N CYS A 47 18.17 -18.93 2.50
CA CYS A 47 18.34 -17.56 1.95
C CYS A 47 17.29 -16.66 2.59
N ARG A 48 17.70 -15.45 3.00
CA ARG A 48 16.86 -14.27 3.27
C ARG A 48 17.18 -13.18 2.25
N CYS A 49 16.32 -12.20 2.10
CA CYS A 49 16.61 -10.98 1.30
C CYS A 49 16.97 -11.38 -0.13
N THR A 50 16.41 -12.49 -0.61
CA THR A 50 16.68 -13.03 -1.97
C THR A 50 16.21 -12.04 -3.04
N LYS A 51 17.06 -11.81 -4.04
CA LYS A 51 16.93 -10.77 -5.09
C LYS A 51 17.32 -11.37 -6.43
N TYR A 52 16.69 -11.01 -7.54
CA TYR A 52 17.11 -11.43 -8.91
C TYR A 52 17.30 -10.18 -9.77
N GLU A 53 18.48 -9.97 -10.34
CA GLU A 53 18.76 -8.85 -11.29
C GLU A 53 18.76 -9.43 -12.71
N PHE A 54 17.76 -9.10 -13.53
CA PHE A 54 17.67 -9.54 -14.94
C PHE A 54 18.43 -8.57 -15.88
N SER A 55 19.17 -9.14 -16.84
CA SER A 55 19.99 -8.41 -17.84
C SER A 55 19.11 -7.68 -18.87
N GLY A 56 17.90 -8.17 -19.12
CA GLY A 56 17.14 -7.81 -20.33
C GLY A 56 17.58 -8.67 -21.51
N LEU A 57 16.74 -8.75 -22.54
CA LEU A 57 16.97 -9.60 -23.73
C LEU A 57 18.37 -9.34 -24.31
N LYS A 58 19.13 -10.41 -24.51
CA LYS A 58 20.38 -10.44 -25.31
C LYS A 58 20.19 -11.47 -26.42
N ARG A 59 20.77 -11.24 -27.60
CA ARG A 59 20.69 -12.18 -28.75
C ARG A 59 22.10 -12.63 -29.11
N ASP A 60 22.23 -13.90 -29.50
CA ASP A 60 23.27 -14.44 -30.39
C ASP A 60 22.57 -14.91 -31.67
N GLY A 61 22.32 -13.97 -32.59
CA GLY A 61 21.50 -14.16 -33.80
C GLY A 61 20.06 -14.44 -33.42
N ASN A 62 19.56 -15.60 -33.86
CA ASN A 62 18.13 -16.02 -33.74
C ASN A 62 17.92 -16.64 -32.34
N LEU A 63 18.99 -16.83 -31.58
CA LEU A 63 18.96 -17.37 -30.20
C LEU A 63 18.89 -16.19 -29.21
N GLY A 64 17.82 -16.08 -28.42
CA GLY A 64 17.66 -15.03 -27.40
C GLY A 64 17.84 -15.61 -26.00
N TYR A 65 18.43 -14.84 -25.08
CA TYR A 65 18.61 -15.28 -23.68
C TYR A 65 18.53 -14.08 -22.74
N VAL A 66 18.57 -14.36 -21.44
CA VAL A 66 18.54 -13.36 -20.34
C VAL A 66 19.49 -13.82 -19.23
N LEU A 67 20.25 -12.91 -18.64
CA LEU A 67 21.14 -13.25 -17.49
C LEU A 67 20.48 -12.82 -16.18
N ILE A 68 20.80 -13.52 -15.10
CA ILE A 68 20.16 -13.36 -13.76
C ILE A 68 21.24 -13.38 -12.70
N ASN A 69 21.45 -12.25 -12.03
CA ASN A 69 22.33 -12.19 -10.84
C ASN A 69 21.41 -12.50 -9.65
N PHE A 70 21.45 -13.75 -9.22
CA PHE A 70 20.86 -14.21 -7.95
C PHE A 70 21.75 -13.71 -6.82
N SER A 71 21.16 -13.17 -5.75
CA SER A 71 21.88 -12.78 -4.52
C SER A 71 20.96 -13.00 -3.33
N CYS A 72 21.52 -13.42 -2.20
CA CYS A 72 20.79 -13.49 -0.93
C CYS A 72 21.78 -13.39 0.23
N ALA A 73 21.26 -13.19 1.44
CA ALA A 73 22.00 -13.37 2.69
C ALA A 73 21.62 -14.74 3.24
N ARG A 74 22.49 -15.73 3.07
CA ARG A 74 22.25 -17.11 3.57
C ARG A 74 22.48 -17.13 5.07
N ASN A 75 21.60 -17.80 5.83
CA ASN A 75 21.69 -17.81 7.31
C ASN A 75 22.28 -19.12 7.79
N PHE A 76 23.47 -19.05 8.39
CA PHE A 76 24.27 -20.19 8.91
C PHE A 76 24.03 -20.30 10.41
N ILE A 77 22.85 -19.86 10.87
CA ILE A 77 22.36 -20.00 12.27
C ILE A 77 23.21 -19.15 13.22
N PHE A 78 24.49 -18.95 12.90
CA PHE A 78 25.48 -18.24 13.75
C PHE A 78 26.01 -17.00 13.02
N GLY A 79 25.36 -16.62 11.93
CA GLY A 79 25.73 -15.46 11.08
C GLY A 79 25.29 -15.68 9.65
N GLU A 80 25.45 -14.66 8.79
CA GLU A 80 24.97 -14.66 7.38
C GLU A 80 26.13 -14.42 6.41
N LYS A 81 26.41 -15.36 5.50
CA LYS A 81 27.23 -15.12 4.28
C LYS A 81 26.35 -14.52 3.19
N LYS A 82 26.81 -13.48 2.49
CA LYS A 82 26.25 -13.06 1.18
C LYS A 82 26.62 -14.15 0.18
N SER A 83 25.64 -14.66 -0.57
CA SER A 83 25.85 -15.66 -1.63
C SER A 83 25.28 -15.10 -2.93
N GLU A 84 26.12 -15.02 -3.97
CA GLU A 84 25.77 -14.48 -5.30
C GLU A 84 26.06 -15.54 -6.34
N MET A 85 25.21 -15.68 -7.35
CA MET A 85 25.42 -16.62 -8.46
C MET A 85 24.85 -15.98 -9.72
N THR A 86 25.23 -16.50 -10.88
CA THR A 86 24.67 -16.08 -12.18
C THR A 86 23.99 -17.29 -12.82
N PHE A 87 22.85 -17.04 -13.45
CA PHE A 87 22.08 -18.01 -14.26
C PHE A 87 21.85 -17.43 -15.63
N LYS A 88 21.63 -18.29 -16.62
CA LYS A 88 21.28 -17.87 -17.99
C LYS A 88 19.94 -18.55 -18.31
N LEU A 89 18.95 -17.76 -18.72
CA LEU A 89 17.71 -18.24 -19.37
C LEU A 89 17.89 -18.17 -20.89
N ILE A 90 17.99 -19.32 -21.56
CA ILE A 90 18.01 -19.40 -23.04
C ILE A 90 16.61 -19.77 -23.52
N LEU A 91 15.99 -18.92 -24.33
CA LEU A 91 14.66 -19.26 -24.91
C LEU A 91 14.80 -20.53 -25.75
N ASN A 92 13.94 -21.52 -25.53
CA ASN A 92 14.00 -22.84 -26.23
C ASN A 92 13.65 -22.67 -27.72
N LYS A 93 12.80 -21.72 -28.11
CA LYS A 93 12.46 -21.46 -29.54
C LYS A 93 13.27 -20.27 -30.02
N PRO A 94 13.80 -20.30 -31.27
CA PRO A 94 14.48 -19.12 -31.82
C PRO A 94 13.51 -17.93 -31.93
N LEU A 95 14.07 -16.76 -32.24
CA LEU A 95 13.46 -15.43 -31.96
C LEU A 95 14.00 -14.46 -33.01
N ASP A 96 13.27 -14.29 -34.10
CA ASP A 96 13.74 -13.53 -35.29
C ASP A 96 14.12 -12.11 -34.86
N GLU A 97 15.12 -11.50 -35.52
CA GLU A 97 15.66 -10.15 -35.16
C GLU A 97 14.66 -9.06 -35.59
N ASN A 98 13.42 -9.45 -35.93
CA ASN A 98 12.27 -8.54 -36.13
C ASN A 98 11.77 -8.05 -34.77
N THR A 99 11.21 -8.95 -33.95
CA THR A 99 10.43 -8.64 -32.72
C THR A 99 11.29 -8.80 -31.46
N THR A 100 10.73 -8.41 -30.32
CA THR A 100 11.32 -8.56 -28.97
C THR A 100 10.26 -9.21 -28.07
N THR A 101 9.30 -9.90 -28.68
CA THR A 101 8.11 -10.50 -28.02
C THR A 101 8.08 -11.99 -28.35
N VAL A 102 7.65 -12.82 -27.40
CA VAL A 102 7.47 -14.29 -27.60
C VAL A 102 6.03 -14.65 -27.22
N GLU A 103 5.46 -15.62 -27.94
CA GLU A 103 4.10 -16.19 -27.67
C GLU A 103 4.09 -16.68 -26.21
N GLU A 104 5.14 -17.39 -25.80
CA GLU A 104 5.38 -17.91 -24.42
C GLU A 104 6.88 -17.90 -24.12
N PHE A 105 7.31 -17.20 -23.07
CA PHE A 105 8.65 -17.32 -22.48
C PHE A 105 8.80 -18.73 -21.92
N ASN A 106 9.54 -19.56 -22.66
CA ASN A 106 9.87 -20.96 -22.31
C ASN A 106 11.36 -21.17 -22.60
N ALA A 107 12.13 -21.54 -21.59
CA ALA A 107 13.60 -21.43 -21.60
C ALA A 107 14.22 -22.58 -20.82
N SER A 108 15.46 -22.91 -21.15
CA SER A 108 16.36 -23.75 -20.34
C SER A 108 17.13 -22.80 -19.42
N ILE A 109 17.34 -23.17 -18.16
CA ILE A 109 18.13 -22.32 -17.22
C ILE A 109 19.48 -23.00 -16.99
N TYR A 110 20.56 -22.22 -17.01
CA TYR A 110 21.94 -22.71 -16.82
C TYR A 110 22.56 -22.03 -15.61
N LEU A 111 23.29 -22.77 -14.80
CA LEU A 111 24.29 -22.16 -13.90
C LEU A 111 25.43 -21.68 -14.82
N VAL A 112 25.95 -20.47 -14.64
CA VAL A 112 27.10 -19.94 -15.42
C VAL A 112 28.09 -19.27 -14.48
N GLN A 113 29.37 -19.44 -14.79
CA GLN A 113 30.54 -18.91 -14.06
C GLN A 113 31.65 -18.80 -15.09
N GLY A 114 32.13 -17.58 -15.38
CA GLY A 114 32.91 -17.27 -16.58
C GLY A 114 32.21 -17.78 -17.82
N ASN A 115 32.93 -18.49 -18.70
CA ASN A 115 32.45 -18.96 -20.03
C ASN A 115 31.96 -20.42 -19.93
N GLN A 116 31.99 -21.00 -18.74
CA GLN A 116 31.35 -22.32 -18.46
C GLN A 116 29.87 -22.11 -18.18
N GLN A 117 29.05 -23.13 -18.47
CA GLN A 117 27.60 -23.09 -18.21
C GLN A 117 27.05 -24.51 -18.07
N ILE A 118 26.41 -24.82 -16.94
CA ILE A 118 25.84 -26.16 -16.70
C ILE A 118 24.31 -26.08 -16.70
N LEU A 119 23.65 -26.88 -17.56
CA LEU A 119 22.18 -26.97 -17.69
C LEU A 119 21.58 -27.48 -16.37
N LEU A 120 20.50 -26.86 -15.90
CA LEU A 120 19.84 -27.20 -14.61
C LEU A 120 18.42 -27.72 -14.86
N ASN A 121 17.74 -27.21 -15.89
CA ASN A 121 16.32 -27.50 -16.17
C ASN A 121 15.99 -26.97 -17.57
N GLY A 122 15.38 -27.78 -18.44
CA GLY A 122 15.17 -27.48 -19.85
C GLY A 122 13.80 -26.88 -20.11
N ASN A 123 12.98 -26.78 -19.06
CA ASN A 123 11.63 -26.14 -19.09
C ASN A 123 11.38 -25.33 -17.82
N ILE A 124 11.75 -24.05 -17.87
CA ILE A 124 11.32 -22.98 -16.94
C ILE A 124 10.55 -21.95 -17.78
N ASN A 125 9.38 -21.55 -17.29
CA ASN A 125 8.41 -20.67 -17.98
C ASN A 125 8.15 -19.41 -17.18
N ILE A 126 7.78 -18.33 -17.84
CA ILE A 126 7.02 -17.23 -17.18
C ILE A 126 5.55 -17.66 -17.23
N ILE A 127 5.06 -18.19 -16.11
CA ILE A 127 3.64 -18.63 -15.88
C ILE A 127 2.76 -17.39 -16.00
N TYR A 128 2.99 -16.40 -15.15
CA TYR A 128 2.16 -15.17 -15.01
C TYR A 128 3.06 -13.94 -14.85
N ALA A 129 2.74 -12.87 -15.57
CA ALA A 129 3.41 -11.54 -15.51
C ALA A 129 2.35 -10.45 -15.47
N GLU A 130 2.52 -9.47 -14.57
CA GLU A 130 1.66 -8.26 -14.46
C GLU A 130 2.44 -7.06 -15.01
N LEU A 131 1.91 -6.40 -16.03
CA LEU A 131 2.50 -5.18 -16.64
C LEU A 131 1.81 -3.93 -16.08
N ASN A 132 2.45 -2.78 -16.20
CA ASN A 132 1.90 -1.48 -15.73
C ASN A 132 1.89 -0.53 -16.93
N GLU A 133 1.43 0.71 -16.71
CA GLU A 133 1.23 1.75 -17.75
C GLU A 133 2.47 1.78 -18.65
N GLN A 134 3.66 1.74 -18.08
CA GLN A 134 4.91 1.92 -18.84
C GLN A 134 5.41 0.58 -19.41
N ASN A 135 4.55 -0.45 -19.44
CA ASN A 135 4.85 -1.81 -20.00
C ASN A 135 6.17 -2.37 -19.40
N GLU A 136 6.25 -2.35 -18.07
CA GLU A 136 7.32 -2.99 -17.26
C GLU A 136 6.63 -3.93 -16.27
N PHE A 137 7.36 -4.86 -15.67
CA PHE A 137 6.78 -5.98 -14.88
C PHE A 137 6.59 -5.54 -13.43
N GLU A 138 5.35 -5.53 -12.96
CA GLU A 138 5.05 -5.40 -11.52
C GLU A 138 5.45 -6.70 -10.81
N HIS A 139 5.06 -7.86 -11.34
CA HIS A 139 5.25 -9.19 -10.70
C HIS A 139 5.50 -10.28 -11.76
N LEU A 140 6.37 -11.24 -11.43
CA LEU A 140 6.69 -12.44 -12.25
C LEU A 140 6.44 -13.69 -11.41
N ILE A 141 5.69 -14.64 -11.95
CA ILE A 141 5.68 -16.06 -11.50
C ILE A 141 6.41 -16.88 -12.55
N LEU A 142 7.55 -17.47 -12.16
CA LEU A 142 8.35 -18.45 -12.93
C LEU A 142 8.02 -19.85 -12.43
N GLY A 143 7.79 -20.81 -13.32
CA GLY A 143 7.42 -22.17 -12.91
C GLY A 143 7.83 -23.20 -13.93
N GLY A 144 7.60 -24.47 -13.61
CA GLY A 144 7.87 -25.61 -14.51
C GLY A 144 6.64 -25.99 -15.32
N GLN A 145 6.55 -27.24 -15.75
CA GLN A 145 5.38 -27.78 -16.48
C GLN A 145 4.53 -28.61 -15.51
N LYS A 146 5.12 -29.08 -14.41
CA LYS A 146 4.41 -29.79 -13.31
C LYS A 146 4.40 -28.87 -12.08
N SER A 147 3.37 -29.02 -11.24
CA SER A 147 3.18 -28.22 -10.01
C SER A 147 4.36 -28.45 -9.06
N ILE A 148 5.00 -29.62 -9.20
CA ILE A 148 6.04 -30.12 -8.27
C ILE A 148 7.41 -29.61 -8.70
N GLU A 149 7.56 -29.17 -9.96
CA GLU A 149 8.80 -28.52 -10.43
C GLU A 149 8.98 -27.17 -9.73
N PRO A 150 10.19 -26.58 -9.71
CA PRO A 150 10.41 -25.34 -8.98
C PRO A 150 9.52 -24.22 -9.53
N MET A 151 8.99 -23.40 -8.61
CA MET A 151 8.10 -22.25 -8.87
C MET A 151 8.56 -21.08 -7.97
N ILE A 152 8.64 -19.87 -8.55
CA ILE A 152 9.16 -18.66 -7.85
C ILE A 152 8.19 -17.51 -8.10
N ILE A 153 7.82 -16.79 -7.05
CA ILE A 153 7.00 -15.54 -7.13
C ILE A 153 7.91 -14.37 -6.76
N MET A 154 8.07 -13.43 -7.67
CA MET A 154 8.98 -12.28 -7.43
C MET A 154 8.28 -10.99 -7.87
N SER A 155 8.66 -9.87 -7.23
CA SER A 155 8.03 -8.54 -7.45
C SER A 155 9.09 -7.46 -7.67
N LYS A 156 8.70 -6.45 -8.45
CA LYS A 156 9.32 -5.12 -8.47
C LYS A 156 9.54 -4.66 -7.01
N TYR A 157 8.59 -4.93 -6.10
CA TYR A 157 8.58 -4.48 -4.67
C TYR A 157 9.10 -5.59 -3.76
N ARG A 158 9.73 -5.21 -2.63
CA ARG A 158 10.36 -6.14 -1.65
C ARG A 158 9.26 -6.84 -0.86
N THR A 159 8.18 -6.13 -0.58
CA THR A 159 7.01 -6.69 0.11
C THR A 159 5.79 -6.34 -0.75
N VAL A 160 4.67 -7.03 -0.58
CA VAL A 160 3.41 -6.78 -1.32
C VAL A 160 2.26 -6.86 -0.31
N LEU A 161 1.09 -6.32 -0.66
CA LEU A 161 -0.08 -6.30 0.24
C LEU A 161 -0.79 -7.64 0.17
N LEU A 162 -1.41 -8.10 1.26
CA LEU A 162 -2.15 -9.39 1.29
C LEU A 162 -2.96 -9.54 0.00
N ASP A 163 -3.58 -8.45 -0.43
CA ASP A 163 -4.40 -8.32 -1.66
C ASP A 163 -3.59 -8.83 -2.87
N THR A 164 -2.48 -8.15 -3.22
CA THR A 164 -1.57 -8.49 -4.35
C THR A 164 -1.17 -9.97 -4.29
N TYR A 165 -0.76 -10.44 -3.12
CA TYR A 165 -0.32 -11.84 -2.88
C TYR A 165 -1.44 -12.80 -3.25
N ASN A 166 -2.66 -12.53 -2.79
CA ASN A 166 -3.87 -13.35 -3.05
C ASN A 166 -4.10 -13.38 -4.57
N LYS A 167 -3.85 -12.28 -5.27
CA LYS A 167 -4.04 -12.22 -6.73
C LYS A 167 -3.04 -13.17 -7.39
N LEU A 168 -1.79 -13.10 -6.93
CA LEU A 168 -0.67 -13.93 -7.44
C LEU A 168 -0.98 -15.42 -7.19
N ILE A 169 -1.54 -15.78 -6.04
CA ILE A 169 -1.87 -17.20 -5.70
C ILE A 169 -3.04 -17.66 -6.58
N ASN A 170 -4.07 -16.82 -6.74
CA ASN A 170 -5.17 -17.07 -7.69
C ASN A 170 -4.57 -17.39 -9.06
N SER A 171 -3.59 -16.65 -9.55
CA SER A 171 -2.96 -16.89 -10.87
C SER A 171 -2.36 -18.29 -10.93
N LEU A 172 -1.63 -18.69 -9.88
CA LEU A 172 -1.08 -20.07 -9.80
C LEU A 172 -2.23 -21.06 -9.99
N TYR A 173 -3.35 -20.87 -9.27
CA TYR A 173 -4.57 -21.73 -9.38
C TYR A 173 -4.95 -21.90 -10.85
N LEU A 174 -5.14 -20.81 -11.58
CA LEU A 174 -5.67 -20.81 -12.96
C LEU A 174 -4.65 -21.44 -13.89
N ALA A 175 -3.37 -21.41 -13.50
CA ALA A 175 -2.24 -21.97 -14.28
C ALA A 175 -2.15 -23.48 -14.04
N GLY A 176 -2.75 -23.98 -12.96
CA GLY A 176 -2.96 -25.42 -12.70
C GLY A 176 -2.21 -25.98 -11.50
N TYR A 177 -1.64 -25.15 -10.64
CA TYR A 177 -1.16 -25.60 -9.30
C TYR A 177 -2.39 -26.06 -8.52
N GLU A 178 -2.26 -27.21 -7.84
CA GLU A 178 -3.33 -27.81 -7.02
C GLU A 178 -3.65 -26.87 -5.87
N PRO A 179 -4.90 -26.42 -5.73
CA PRO A 179 -5.27 -25.49 -4.66
C PRO A 179 -4.67 -25.80 -3.27
N SER A 180 -4.47 -27.09 -2.98
CA SER A 180 -3.90 -27.57 -1.69
C SER A 180 -2.37 -27.45 -1.70
N LEU A 181 -1.73 -27.21 -2.85
CA LEU A 181 -0.25 -26.97 -2.90
C LEU A 181 0.05 -25.48 -2.69
N LEU A 182 -0.94 -24.63 -2.38
CA LEU A 182 -0.79 -23.15 -2.41
C LEU A 182 -0.78 -22.52 -1.01
N THR A 183 -0.46 -23.30 0.02
CA THR A 183 -0.43 -22.85 1.43
C THR A 183 0.90 -23.28 2.05
N TRP A 184 1.08 -22.99 3.34
CA TRP A 184 2.40 -22.74 3.95
C TRP A 184 3.38 -23.87 3.63
N PRO A 185 3.11 -25.14 3.97
CA PRO A 185 4.19 -26.14 3.93
C PRO A 185 4.85 -26.16 2.53
N PHE A 186 4.07 -25.93 1.45
CA PHE A 186 4.50 -26.06 0.03
C PHE A 186 4.77 -24.70 -0.65
N ILE A 187 4.20 -23.61 -0.15
CA ILE A 187 4.57 -22.22 -0.55
C ILE A 187 5.28 -21.59 0.64
N ILE A 188 6.54 -21.21 0.48
CA ILE A 188 7.35 -20.59 1.56
C ILE A 188 7.53 -19.10 1.24
N GLN A 189 7.07 -18.23 2.14
CA GLN A 189 7.36 -16.77 2.09
C GLN A 189 8.85 -16.58 2.41
N THR A 190 9.55 -15.80 1.59
CA THR A 190 10.96 -15.38 1.78
C THR A 190 10.99 -14.28 2.83
N ASP A 191 11.96 -14.31 3.75
CA ASP A 191 12.16 -13.23 4.74
C ASP A 191 12.81 -12.07 3.99
N GLN A 192 12.01 -11.08 3.64
CA GLN A 192 12.53 -9.87 2.97
C GLN A 192 12.58 -8.67 3.93
N THR A 193 12.88 -8.88 5.22
CA THR A 193 12.96 -7.81 6.24
C THR A 193 14.42 -7.65 6.68
N PHE A 194 14.81 -6.48 7.18
CA PHE A 194 16.18 -6.19 7.68
C PHE A 194 17.19 -6.54 6.58
N CYS A 195 17.06 -5.92 5.40
CA CYS A 195 17.91 -6.20 4.21
C CYS A 195 18.80 -4.99 3.91
N ASP A 196 19.63 -4.62 4.90
CA ASP A 196 20.67 -3.57 4.79
C ASP A 196 22.00 -4.27 4.45
N ASP B 11 -31.77 4.91 -13.66
CA ASP B 11 -33.18 5.28 -13.19
C ASP B 11 -33.22 6.66 -12.48
N GLY B 12 -32.14 7.44 -12.50
CA GLY B 12 -32.08 8.80 -11.94
C GLY B 12 -31.57 8.83 -10.50
N VAL B 13 -31.95 7.82 -9.70
CA VAL B 13 -31.77 7.78 -8.22
C VAL B 13 -30.49 7.02 -7.87
N VAL B 14 -29.77 7.49 -6.85
CA VAL B 14 -28.61 6.77 -6.23
C VAL B 14 -29.15 5.76 -5.21
N HIS B 15 -28.82 4.47 -5.38
CA HIS B 15 -29.28 3.33 -4.54
C HIS B 15 -28.20 2.96 -3.54
N VAL B 16 -28.61 2.56 -2.34
CA VAL B 16 -27.74 1.94 -1.31
C VAL B 16 -27.29 0.57 -1.85
N LEU B 17 -25.98 0.29 -1.86
CA LEU B 17 -25.37 -1.02 -2.19
C LEU B 17 -25.18 -1.84 -0.90
N SER B 18 -24.75 -1.18 0.17
CA SER B 18 -24.28 -1.81 1.43
C SER B 18 -25.43 -1.87 2.44
N LYS B 19 -26.07 -3.03 2.54
CA LYS B 19 -27.23 -3.29 3.42
C LYS B 19 -26.74 -4.00 4.69
N ASN B 20 -27.67 -4.29 5.62
CA ASN B 20 -27.41 -5.02 6.90
C ASN B 20 -26.13 -4.46 7.54
N ILE B 21 -26.17 -3.21 7.99
CA ILE B 21 -25.00 -2.41 8.47
C ILE B 21 -24.97 -2.42 10.01
N ASP B 22 -23.85 -2.81 10.62
CA ASP B 22 -23.72 -2.77 12.10
C ASP B 22 -23.21 -1.38 12.53
N VAL B 23 -24.17 -0.57 12.98
CA VAL B 23 -24.01 0.84 13.44
C VAL B 23 -23.07 0.87 14.66
N LYS B 24 -22.99 -0.22 15.43
CA LYS B 24 -22.12 -0.33 16.62
C LYS B 24 -20.70 0.10 16.23
N ASN B 25 -20.28 -0.19 14.99
CA ASN B 25 -18.86 -0.06 14.59
C ASN B 25 -18.65 1.20 13.74
N LEU B 26 -19.68 2.03 13.55
CA LEU B 26 -19.54 3.40 13.00
C LEU B 26 -18.94 4.29 14.09
N GLN B 27 -17.69 3.99 14.47
CA GLN B 27 -16.93 4.69 15.53
C GLN B 27 -15.59 5.09 14.93
N GLY B 28 -14.94 6.09 15.52
CA GLY B 28 -13.55 6.47 15.22
C GLY B 28 -13.44 7.40 14.02
N THR B 29 -12.23 7.89 13.77
CA THR B 29 -11.86 8.86 12.72
C THR B 29 -11.91 8.20 11.34
N PHE B 30 -12.44 8.91 10.35
CA PHE B 30 -12.25 8.64 8.90
C PHE B 30 -11.77 9.94 8.25
N TYR B 31 -11.00 9.82 7.17
CA TYR B 31 -10.37 10.97 6.49
C TYR B 31 -11.10 11.16 5.17
N GLU B 32 -11.35 12.42 4.82
CA GLU B 32 -12.07 12.79 3.58
C GLU B 32 -11.09 12.55 2.45
N ILE B 33 -11.44 11.66 1.53
CA ILE B 33 -10.67 11.34 0.30
C ILE B 33 -11.16 12.28 -0.80
N ALA B 34 -12.46 12.34 -0.97
CA ALA B 34 -13.04 12.96 -2.17
C ALA B 34 -14.49 13.32 -1.88
N THR B 35 -14.99 14.32 -2.58
CA THR B 35 -16.38 14.81 -2.45
C THR B 35 -16.83 15.32 -3.81
N ASN B 36 -18.14 15.35 -4.04
CA ASN B 36 -18.75 16.07 -5.19
C ASN B 36 -18.71 17.56 -4.88
N ALA B 37 -18.96 18.41 -5.87
CA ALA B 37 -18.95 19.89 -5.77
C ALA B 37 -19.92 20.37 -4.66
N SER B 38 -21.11 19.77 -4.57
CA SER B 38 -22.24 20.19 -3.71
C SER B 38 -21.91 20.08 -2.22
N ASP B 39 -20.94 19.23 -1.84
CA ASP B 39 -20.45 19.14 -0.44
C ASP B 39 -19.78 20.45 -0.03
N LYS B 40 -19.27 21.21 -1.00
CA LYS B 40 -18.53 22.46 -0.72
C LYS B 40 -19.53 23.57 -0.33
N ILE B 41 -20.77 23.53 -0.86
CA ILE B 41 -21.77 24.62 -0.63
C ILE B 41 -21.95 24.72 0.89
N PHE B 42 -21.97 23.60 1.60
CA PHE B 42 -22.03 23.76 3.08
C PHE B 42 -20.65 23.89 3.72
N PRO B 43 -20.08 22.86 4.40
CA PRO B 43 -18.94 23.08 5.27
C PRO B 43 -17.54 22.88 4.73
N GLY B 44 -17.45 22.20 3.61
CA GLY B 44 -16.11 21.78 3.15
C GLY B 44 -15.37 22.82 2.31
N LEU B 45 -15.85 24.08 2.19
CA LEU B 45 -15.45 24.95 1.05
C LEU B 45 -13.94 24.98 0.87
N ALA B 46 -13.15 25.52 1.79
CA ALA B 46 -11.71 25.70 1.47
C ALA B 46 -10.86 24.72 2.28
N CYS B 47 -11.36 23.49 2.48
CA CYS B 47 -10.86 22.53 3.50
C CYS B 47 -9.71 21.65 2.98
N ARG B 48 -8.57 21.75 3.66
CA ARG B 48 -7.50 20.74 3.66
C ARG B 48 -7.70 19.84 4.85
N CYS B 49 -7.21 18.60 4.80
CA CYS B 49 -6.93 17.72 5.97
C CYS B 49 -8.23 17.29 6.65
N THR B 50 -9.34 17.30 5.93
CA THR B 50 -10.69 17.09 6.49
C THR B 50 -10.81 15.69 7.09
N LYS B 51 -11.52 15.61 8.21
CA LYS B 51 -11.57 14.47 9.14
C LYS B 51 -12.99 14.37 9.72
N TYR B 52 -13.50 13.18 9.96
CA TYR B 52 -14.83 12.96 10.59
C TYR B 52 -14.65 11.91 11.69
N GLU B 53 -14.86 12.27 12.95
CA GLU B 53 -14.87 11.31 14.08
C GLU B 53 -16.32 10.94 14.36
N PHE B 54 -16.68 9.66 14.26
CA PHE B 54 -18.02 9.14 14.60
C PHE B 54 -18.04 8.70 16.07
N SER B 55 -19.21 8.74 16.71
CA SER B 55 -19.39 8.46 18.16
C SER B 55 -19.81 7.00 18.42
N GLY B 56 -20.04 6.22 17.37
CA GLY B 56 -20.78 4.95 17.47
C GLY B 56 -22.24 5.18 17.86
N LEU B 57 -23.06 4.15 17.67
CA LEU B 57 -24.53 4.16 17.92
C LEU B 57 -24.81 4.75 19.31
N LYS B 58 -25.89 5.51 19.40
CA LYS B 58 -26.50 6.03 20.65
C LYS B 58 -28.01 5.92 20.50
N ARG B 59 -28.67 5.17 21.38
CA ARG B 59 -30.16 5.12 21.45
C ARG B 59 -30.60 6.17 22.46
N ASP B 60 -31.59 7.00 22.11
CA ASP B 60 -32.42 7.69 23.12
C ASP B 60 -33.83 7.13 22.94
N GLY B 61 -33.95 5.83 23.21
CA GLY B 61 -35.19 5.05 23.31
C GLY B 61 -35.35 4.09 22.15
N ASN B 62 -36.34 4.37 21.29
CA ASN B 62 -36.62 3.61 20.05
C ASN B 62 -35.90 4.32 18.87
N LEU B 63 -35.17 5.39 19.17
CA LEU B 63 -34.56 6.32 18.18
C LEU B 63 -33.03 6.18 18.24
N GLY B 64 -32.41 5.82 17.10
CA GLY B 64 -30.96 5.59 16.96
C GLY B 64 -30.28 6.72 16.19
N TYR B 65 -29.10 7.14 16.65
CA TYR B 65 -28.38 8.32 16.12
C TYR B 65 -26.87 8.20 16.34
N VAL B 66 -26.11 9.00 15.58
CA VAL B 66 -24.62 9.04 15.62
C VAL B 66 -24.16 10.49 15.50
N LEU B 67 -23.11 10.85 16.21
CA LEU B 67 -22.53 12.21 16.20
C LEU B 67 -21.23 12.18 15.42
N ILE B 68 -21.01 13.21 14.62
CA ILE B 68 -19.79 13.37 13.76
C ILE B 68 -19.14 14.68 14.16
N ASN B 69 -17.88 14.66 14.58
CA ASN B 69 -17.05 15.88 14.72
C ASN B 69 -16.33 16.07 13.41
N PHE B 70 -16.79 17.05 12.64
CA PHE B 70 -16.10 17.52 11.42
C PHE B 70 -14.99 18.49 11.84
N SER B 71 -13.77 18.29 11.36
CA SER B 71 -12.64 19.26 11.51
C SER B 71 -11.93 19.41 10.16
N CYS B 72 -11.41 20.59 9.85
CA CYS B 72 -10.48 20.79 8.73
C CYS B 72 -9.53 21.95 9.03
N ALA B 73 -8.41 22.01 8.31
CA ALA B 73 -7.60 23.24 8.14
C ALA B 73 -8.16 23.96 6.92
N ARG B 74 -9.10 24.87 7.16
CA ARG B 74 -9.72 25.72 6.12
C ARG B 74 -8.75 26.84 5.78
N ASN B 75 -8.42 26.98 4.49
CA ASN B 75 -7.34 27.88 3.99
C ASN B 75 -7.96 29.17 3.45
N PHE B 76 -7.56 30.30 4.03
CA PHE B 76 -8.13 31.65 3.75
C PHE B 76 -7.18 32.37 2.78
N ILE B 77 -6.25 31.63 2.18
CA ILE B 77 -5.29 32.09 1.13
C ILE B 77 -4.07 32.71 1.83
N PHE B 78 -4.27 33.47 2.93
CA PHE B 78 -3.19 34.14 3.70
C PHE B 78 -2.83 33.33 4.95
N GLY B 79 -3.51 32.21 5.13
CA GLY B 79 -3.21 31.23 6.20
C GLY B 79 -4.44 30.41 6.45
N GLU B 80 -4.28 29.33 7.22
CA GLU B 80 -5.35 28.36 7.57
C GLU B 80 -5.66 28.52 9.06
N LYS B 81 -6.94 28.72 9.39
CA LYS B 81 -7.52 28.41 10.72
C LYS B 81 -7.99 26.95 10.70
N LYS B 82 -7.98 26.30 11.86
CA LYS B 82 -8.78 25.09 12.15
C LYS B 82 -10.26 25.45 12.01
N SER B 83 -11.11 24.45 11.76
CA SER B 83 -12.60 24.60 11.66
C SER B 83 -13.27 23.32 12.19
N GLU B 84 -14.04 23.46 13.25
CA GLU B 84 -14.64 22.36 14.03
C GLU B 84 -16.15 22.55 14.06
N MET B 85 -16.91 21.55 13.65
CA MET B 85 -18.38 21.53 13.76
C MET B 85 -18.83 20.13 14.18
N THR B 86 -20.00 20.03 14.78
CA THR B 86 -20.65 18.74 15.15
C THR B 86 -21.86 18.52 14.25
N PHE B 87 -22.08 17.27 13.84
CA PHE B 87 -23.26 16.80 13.06
C PHE B 87 -23.92 15.66 13.83
N LYS B 88 -25.20 15.42 13.58
CA LYS B 88 -25.97 14.34 14.25
C LYS B 88 -26.77 13.65 13.13
N LEU B 89 -26.39 12.42 12.81
CA LEU B 89 -27.18 11.50 11.95
C LEU B 89 -28.26 10.83 12.83
N ILE B 90 -29.53 11.16 12.61
CA ILE B 90 -30.68 10.43 13.21
C ILE B 90 -31.32 9.55 12.14
N LEU B 91 -31.22 8.23 12.30
CA LEU B 91 -31.83 7.22 11.41
C LEU B 91 -33.32 7.50 11.30
N ASN B 92 -33.90 7.37 10.11
CA ASN B 92 -35.29 7.80 9.84
C ASN B 92 -36.28 6.76 10.41
N LYS B 93 -36.07 5.47 10.15
CA LYS B 93 -36.87 4.37 10.77
C LYS B 93 -36.48 4.29 12.24
N PRO B 94 -37.36 3.82 13.16
CA PRO B 94 -36.96 3.59 14.55
C PRO B 94 -36.16 2.27 14.61
N LEU B 95 -35.39 2.07 15.68
CA LEU B 95 -34.41 0.96 15.83
C LEU B 95 -34.67 0.21 17.14
N ASP B 96 -34.97 -1.09 17.09
CA ASP B 96 -35.32 -1.87 18.32
C ASP B 96 -34.07 -2.01 19.20
N GLU B 97 -34.27 -2.10 20.52
CA GLU B 97 -33.19 -2.02 21.54
C GLU B 97 -32.34 -3.31 21.56
N ASN B 98 -32.91 -4.43 21.10
CA ASN B 98 -32.20 -5.73 21.02
C ASN B 98 -31.13 -5.67 19.92
N THR B 99 -31.46 -5.09 18.75
CA THR B 99 -30.60 -5.09 17.52
C THR B 99 -29.69 -3.85 17.52
N THR B 100 -28.53 -3.97 16.87
CA THR B 100 -27.57 -2.87 16.62
C THR B 100 -27.46 -2.64 15.10
N THR B 101 -28.33 -3.27 14.30
CA THR B 101 -28.21 -3.39 12.82
C THR B 101 -29.46 -2.81 12.14
N VAL B 102 -29.28 -2.29 10.92
CA VAL B 102 -30.34 -1.64 10.09
C VAL B 102 -30.19 -2.13 8.65
N GLU B 103 -31.32 -2.24 7.92
CA GLU B 103 -31.36 -2.87 6.58
C GLU B 103 -30.55 -1.96 5.64
N GLU B 104 -30.89 -0.67 5.64
CA GLU B 104 -30.16 0.43 4.96
C GLU B 104 -29.85 1.50 6.01
N PHE B 105 -28.67 2.12 5.93
CA PHE B 105 -28.40 3.34 6.74
C PHE B 105 -29.01 4.52 5.97
N ASN B 106 -30.18 4.95 6.43
CA ASN B 106 -30.88 6.15 5.95
C ASN B 106 -31.13 7.06 7.16
N ALA B 107 -30.80 8.34 7.05
CA ALA B 107 -30.78 9.25 8.21
C ALA B 107 -30.98 10.69 7.75
N SER B 108 -31.62 11.49 8.60
CA SER B 108 -31.59 12.96 8.57
C SER B 108 -30.26 13.40 9.20
N ILE B 109 -29.70 14.50 8.70
CA ILE B 109 -28.42 15.10 9.19
C ILE B 109 -28.77 16.47 9.76
N TYR B 110 -28.28 16.74 10.96
CA TYR B 110 -28.52 18.01 11.67
C TYR B 110 -27.17 18.67 11.90
N LEU B 111 -27.07 19.97 11.72
CA LEU B 111 -26.01 20.76 12.37
C LEU B 111 -26.39 20.90 13.86
N VAL B 112 -25.48 20.61 14.77
CA VAL B 112 -25.75 20.75 16.23
C VAL B 112 -24.71 21.68 16.84
N GLN B 113 -25.06 22.24 17.99
CA GLN B 113 -24.24 23.18 18.78
C GLN B 113 -24.97 23.35 20.11
N GLY B 114 -24.29 23.08 21.23
CA GLY B 114 -24.92 22.99 22.55
C GLY B 114 -26.13 22.08 22.51
N ASN B 115 -27.32 22.64 22.71
CA ASN B 115 -28.60 21.87 22.81
C ASN B 115 -29.49 22.24 21.64
N GLN B 116 -28.90 22.70 20.55
CA GLN B 116 -29.60 23.20 19.34
C GLN B 116 -29.33 22.25 18.18
N GLN B 117 -30.34 21.98 17.36
CA GLN B 117 -30.15 21.19 16.13
C GLN B 117 -30.96 21.81 15.00
N ILE B 118 -30.28 22.07 13.89
CA ILE B 118 -30.90 22.52 12.60
C ILE B 118 -30.73 21.41 11.56
N LEU B 119 -31.86 20.89 11.08
CA LEU B 119 -31.94 19.91 9.95
C LEU B 119 -31.31 20.55 8.70
N LEU B 120 -30.47 19.79 7.99
CA LEU B 120 -29.85 20.23 6.71
C LEU B 120 -30.39 19.37 5.54
N ASN B 121 -30.82 18.14 5.82
CA ASN B 121 -31.15 17.14 4.79
C ASN B 121 -31.87 15.95 5.43
N GLY B 122 -32.98 15.52 4.83
CA GLY B 122 -33.84 14.43 5.34
C GLY B 122 -33.39 13.08 4.84
N ASN B 123 -32.61 13.02 3.77
CA ASN B 123 -32.14 11.73 3.20
C ASN B 123 -30.64 11.79 2.88
N ILE B 124 -29.83 11.48 3.89
CA ILE B 124 -28.40 11.08 3.73
C ILE B 124 -28.31 9.58 4.04
N ASN B 125 -27.58 8.87 3.18
CA ASN B 125 -27.44 7.39 3.18
C ASN B 125 -25.97 6.99 3.34
N ILE B 126 -25.74 5.80 3.89
CA ILE B 126 -24.48 5.05 3.63
C ILE B 126 -24.76 4.20 2.40
N ILE B 127 -24.17 4.63 1.28
CA ILE B 127 -24.32 4.05 -0.09
C ILE B 127 -23.46 2.79 -0.17
N TYR B 128 -22.22 2.85 0.33
CA TYR B 128 -21.26 1.73 0.28
C TYR B 128 -20.35 1.82 1.50
N ALA B 129 -20.03 0.65 2.08
CA ALA B 129 -19.10 0.48 3.20
C ALA B 129 -18.28 -0.78 2.95
N GLU B 130 -16.97 -0.76 3.19
CA GLU B 130 -16.05 -1.93 3.06
C GLU B 130 -15.70 -2.38 4.48
N LEU B 131 -16.16 -3.57 4.90
CA LEU B 131 -15.85 -4.18 6.23
C LEU B 131 -14.49 -4.88 6.14
N ASN B 132 -13.84 -5.08 7.29
CA ASN B 132 -12.61 -5.92 7.41
C ASN B 132 -12.98 -7.15 8.26
N GLU B 133 -12.05 -8.09 8.45
CA GLU B 133 -12.29 -9.37 9.17
C GLU B 133 -12.77 -9.06 10.59
N GLN B 134 -12.36 -7.92 11.15
CA GLN B 134 -12.70 -7.51 12.54
C GLN B 134 -14.02 -6.71 12.55
N ASN B 135 -14.85 -6.84 11.51
CA ASN B 135 -16.25 -6.32 11.42
C ASN B 135 -16.31 -4.81 11.71
N GLU B 136 -15.54 -4.02 10.97
CA GLU B 136 -15.35 -2.56 11.15
C GLU B 136 -15.13 -1.92 9.79
N PHE B 137 -15.31 -0.60 9.71
CA PHE B 137 -15.39 0.14 8.43
C PHE B 137 -13.98 0.54 7.97
N GLU B 138 -13.58 0.04 6.80
CA GLU B 138 -12.37 0.47 6.05
C GLU B 138 -12.71 1.76 5.28
N HIS B 139 -13.71 1.72 4.39
CA HIS B 139 -14.13 2.88 3.56
C HIS B 139 -15.62 3.13 3.71
N LEU B 140 -16.05 4.39 3.61
CA LEU B 140 -17.48 4.80 3.61
C LEU B 140 -17.74 5.73 2.44
N ILE B 141 -18.89 5.60 1.83
CA ILE B 141 -19.47 6.66 0.94
C ILE B 141 -20.84 7.07 1.52
N LEU B 142 -20.95 8.32 1.95
CA LEU B 142 -22.23 8.96 2.36
C LEU B 142 -22.75 9.75 1.17
N GLY B 143 -24.07 10.00 1.12
CA GLY B 143 -24.71 10.66 -0.03
C GLY B 143 -26.23 10.64 0.05
N GLY B 144 -26.88 11.45 -0.78
CA GLY B 144 -28.34 11.47 -0.91
C GLY B 144 -28.80 10.64 -2.10
N GLN B 145 -30.04 10.91 -2.54
CA GLN B 145 -30.82 10.09 -3.49
C GLN B 145 -30.47 10.51 -4.92
N LYS B 146 -30.01 11.75 -5.12
CA LYS B 146 -29.56 12.25 -6.45
C LYS B 146 -28.08 12.63 -6.40
N SER B 147 -27.40 12.50 -7.56
CA SER B 147 -25.97 12.83 -7.78
C SER B 147 -25.66 14.29 -7.46
N ILE B 148 -26.67 15.13 -7.19
CA ILE B 148 -26.47 16.59 -7.00
C ILE B 148 -26.58 16.95 -5.52
N GLU B 149 -27.02 16.03 -4.66
CA GLU B 149 -26.90 16.21 -3.19
C GLU B 149 -25.46 15.88 -2.80
N PRO B 150 -24.95 16.44 -1.67
CA PRO B 150 -23.58 16.18 -1.25
C PRO B 150 -23.32 14.67 -1.16
N MET B 151 -22.14 14.26 -1.61
CA MET B 151 -21.61 12.87 -1.54
C MET B 151 -20.18 12.97 -1.01
N ILE B 152 -19.81 12.10 -0.07
CA ILE B 152 -18.45 12.07 0.53
C ILE B 152 -17.91 10.64 0.48
N ILE B 153 -16.72 10.46 -0.08
CA ILE B 153 -15.89 9.24 0.09
C ILE B 153 -14.89 9.50 1.21
N MET B 154 -14.93 8.68 2.25
CA MET B 154 -13.97 8.75 3.36
C MET B 154 -13.47 7.33 3.71
N SER B 155 -12.36 7.27 4.44
CA SER B 155 -11.55 6.04 4.65
C SER B 155 -10.91 6.08 6.03
N LYS B 156 -10.72 4.90 6.60
CA LYS B 156 -9.85 4.58 7.77
C LYS B 156 -8.48 5.28 7.59
N TYR B 157 -8.06 5.52 6.35
CA TYR B 157 -6.68 5.96 6.01
C TYR B 157 -6.69 7.36 5.40
N ARG B 158 -5.67 8.16 5.74
CA ARG B 158 -5.49 9.55 5.22
C ARG B 158 -5.43 9.51 3.69
N THR B 159 -4.75 8.55 3.08
CA THR B 159 -4.73 8.40 1.61
C THR B 159 -5.03 6.95 1.23
N VAL B 160 -5.28 6.68 -0.04
CA VAL B 160 -5.65 5.31 -0.51
C VAL B 160 -4.99 5.08 -1.86
N LEU B 161 -4.64 3.83 -2.15
CA LEU B 161 -4.00 3.46 -3.43
C LEU B 161 -5.04 3.62 -4.52
N LEU B 162 -4.60 3.85 -5.76
CA LEU B 162 -5.49 4.11 -6.92
C LEU B 162 -6.48 2.95 -7.05
N ASP B 163 -6.02 1.70 -6.92
CA ASP B 163 -6.91 0.50 -7.01
C ASP B 163 -8.13 0.72 -6.10
N THR B 164 -7.88 1.17 -4.87
CA THR B 164 -8.92 1.38 -3.82
C THR B 164 -9.86 2.50 -4.28
N TYR B 165 -9.32 3.63 -4.75
CA TYR B 165 -10.09 4.79 -5.25
C TYR B 165 -10.89 4.37 -6.50
N ASN B 166 -10.24 3.74 -7.47
CA ASN B 166 -10.96 3.21 -8.66
C ASN B 166 -12.15 2.37 -8.16
N LYS B 167 -11.99 1.62 -7.06
CA LYS B 167 -13.05 0.71 -6.55
C LYS B 167 -14.21 1.54 -5.96
N LEU B 168 -13.91 2.57 -5.19
CA LEU B 168 -14.93 3.42 -4.51
C LEU B 168 -15.78 4.18 -5.54
N ILE B 169 -15.12 4.78 -6.53
CA ILE B 169 -15.78 5.46 -7.68
C ILE B 169 -16.68 4.45 -8.41
N ASN B 170 -16.24 3.20 -8.55
CA ASN B 170 -17.04 2.20 -9.29
C ASN B 170 -18.29 1.93 -8.46
N SER B 171 -18.12 1.75 -7.15
CA SER B 171 -19.23 1.58 -6.18
C SER B 171 -20.29 2.64 -6.48
N LEU B 172 -19.87 3.87 -6.77
CA LEU B 172 -20.81 5.00 -6.99
C LEU B 172 -21.52 4.80 -8.33
N TYR B 173 -20.81 4.29 -9.33
CA TYR B 173 -21.36 3.97 -10.67
C TYR B 173 -22.48 2.93 -10.49
N LEU B 174 -22.11 1.77 -9.94
CA LEU B 174 -23.04 0.64 -9.65
C LEU B 174 -24.26 1.19 -8.89
N ALA B 175 -24.06 2.10 -7.96
CA ALA B 175 -25.12 2.65 -7.06
C ALA B 175 -26.12 3.51 -7.85
N GLY B 176 -25.70 4.09 -8.99
CA GLY B 176 -26.61 4.83 -9.89
C GLY B 176 -26.23 6.28 -10.04
N TYR B 177 -25.06 6.67 -9.55
CA TYR B 177 -24.49 8.03 -9.65
C TYR B 177 -24.11 8.24 -11.13
N GLU B 178 -24.63 9.30 -11.77
CA GLU B 178 -24.45 9.59 -13.22
C GLU B 178 -22.98 9.41 -13.56
N PRO B 179 -22.64 8.65 -14.63
CA PRO B 179 -21.25 8.32 -14.94
C PRO B 179 -20.31 9.49 -15.29
N SER B 180 -20.85 10.55 -15.90
CA SER B 180 -20.08 11.74 -16.37
C SER B 180 -19.75 12.67 -15.19
N LEU B 181 -20.28 12.41 -14.00
CA LEU B 181 -20.06 13.23 -12.79
C LEU B 181 -19.07 12.58 -11.83
N LEU B 182 -18.17 11.70 -12.31
CA LEU B 182 -17.26 10.85 -11.49
C LEU B 182 -15.78 11.23 -11.72
N THR B 183 -15.61 12.27 -12.54
CA THR B 183 -14.29 12.80 -12.90
C THR B 183 -14.07 14.14 -12.20
N TRP B 184 -12.97 14.79 -12.52
CA TRP B 184 -12.52 15.97 -11.74
C TRP B 184 -13.54 17.06 -11.42
N PRO B 185 -14.00 17.89 -12.37
CA PRO B 185 -14.60 19.15 -11.94
C PRO B 185 -15.63 18.80 -10.85
N PHE B 186 -16.34 17.67 -11.05
CA PHE B 186 -17.48 17.19 -10.24
C PHE B 186 -17.07 16.31 -9.05
N ILE B 187 -15.84 15.79 -9.01
CA ILE B 187 -15.31 15.01 -7.85
C ILE B 187 -13.97 15.61 -7.45
N ILE B 188 -13.84 16.06 -6.21
CA ILE B 188 -12.68 16.88 -5.76
C ILE B 188 -11.94 16.09 -4.69
N GLN B 189 -10.71 15.67 -4.99
CA GLN B 189 -9.82 14.99 -4.01
C GLN B 189 -9.50 16.01 -2.93
N THR B 190 -9.66 15.63 -1.67
CA THR B 190 -9.31 16.46 -0.49
C THR B 190 -7.79 16.36 -0.32
N ASP B 191 -7.11 17.50 -0.19
CA ASP B 191 -5.67 17.55 0.11
C ASP B 191 -5.47 17.07 1.54
N GLN B 192 -4.73 15.97 1.73
CA GLN B 192 -4.41 15.40 3.08
C GLN B 192 -2.90 15.43 3.26
N THR B 193 -2.22 16.43 2.70
CA THR B 193 -0.76 16.66 2.79
C THR B 193 -0.53 17.56 3.99
N PHE B 194 0.42 17.22 4.87
CA PHE B 194 0.90 18.05 6.01
C PHE B 194 -0.21 18.25 7.05
N CYS B 195 -0.54 17.20 7.82
CA CYS B 195 -1.55 17.27 8.91
C CYS B 195 -1.20 16.27 10.02
N ASP C 11 22.98 -9.42 29.55
CA ASP C 11 21.67 -8.71 29.47
C ASP C 11 20.83 -9.28 28.31
N GLY C 12 20.64 -10.61 28.31
CA GLY C 12 19.77 -11.30 27.32
C GLY C 12 18.41 -11.49 27.95
N VAL C 13 18.18 -10.66 28.96
CA VAL C 13 17.00 -10.55 29.89
C VAL C 13 16.08 -9.41 29.40
N VAL C 14 14.80 -9.71 29.17
CA VAL C 14 13.84 -8.79 28.49
C VAL C 14 12.89 -8.19 29.53
N HIS C 15 12.82 -6.86 29.53
CA HIS C 15 11.96 -6.06 30.44
C HIS C 15 10.68 -5.69 29.69
N VAL C 16 9.57 -5.57 30.43
CA VAL C 16 8.29 -5.05 29.89
C VAL C 16 8.50 -3.60 29.47
N LEU C 17 7.94 -3.22 28.32
CA LEU C 17 7.82 -1.81 27.86
C LEU C 17 6.49 -1.20 28.31
N SER C 18 5.40 -1.93 28.14
CA SER C 18 4.03 -1.40 28.27
C SER C 18 3.54 -1.69 29.68
N LYS C 19 3.49 -0.65 30.53
CA LYS C 19 3.03 -0.77 31.92
C LYS C 19 1.59 -0.25 31.97
N ASN C 20 0.90 -0.45 33.10
CA ASN C 20 -0.47 0.06 33.33
C ASN C 20 -1.36 -0.50 32.23
N ILE C 21 -1.77 -1.75 32.33
CA ILE C 21 -2.55 -2.45 31.28
C ILE C 21 -3.95 -2.73 31.82
N ASP C 22 -4.96 -2.16 31.20
CA ASP C 22 -6.37 -2.40 31.57
C ASP C 22 -6.72 -3.80 31.06
N VAL C 23 -6.70 -4.79 31.97
CA VAL C 23 -6.91 -6.22 31.64
C VAL C 23 -8.33 -6.35 31.07
N LYS C 24 -9.17 -5.35 31.29
CA LYS C 24 -10.58 -5.35 30.85
C LYS C 24 -10.60 -5.42 29.32
N ASN C 25 -9.68 -4.71 28.65
CA ASN C 25 -9.69 -4.54 27.17
C ASN C 25 -8.62 -5.47 26.57
N LEU C 26 -8.34 -6.58 27.28
CA LEU C 26 -7.66 -7.81 26.77
C LEU C 26 -8.76 -8.82 26.43
N GLN C 27 -9.52 -8.53 25.38
CA GLN C 27 -10.69 -9.32 24.96
C GLN C 27 -10.78 -9.40 23.43
N GLY C 28 -11.44 -10.45 22.92
CA GLY C 28 -11.76 -10.64 21.51
C GLY C 28 -10.60 -11.24 20.74
N THR C 29 -10.66 -11.18 19.41
CA THR C 29 -9.84 -12.02 18.53
C THR C 29 -8.54 -11.30 18.20
N PHE C 30 -7.43 -12.03 18.32
CA PHE C 30 -6.08 -11.66 17.82
C PHE C 30 -5.56 -12.77 16.91
N TYR C 31 -4.77 -12.35 15.94
CA TYR C 31 -4.19 -13.22 14.90
C TYR C 31 -2.69 -13.33 15.18
N GLU C 32 -2.18 -14.55 15.22
CA GLU C 32 -0.74 -14.77 15.36
C GLU C 32 -0.09 -14.18 14.10
N ILE C 33 0.81 -13.20 14.23
CA ILE C 33 1.60 -12.63 13.11
C ILE C 33 2.89 -13.44 12.98
N ALA C 34 3.58 -13.67 14.10
CA ALA C 34 4.93 -14.25 14.16
C ALA C 34 5.22 -14.75 15.56
N THR C 35 6.16 -15.69 15.66
CA THR C 35 6.65 -16.31 16.91
C THR C 35 8.15 -16.58 16.80
N ASN C 36 8.82 -16.80 17.93
CA ASN C 36 10.17 -17.38 17.98
C ASN C 36 10.00 -18.91 17.90
N ALA C 37 11.12 -19.64 17.84
CA ALA C 37 11.17 -21.12 17.75
C ALA C 37 10.48 -21.74 18.97
N SER C 38 10.85 -21.29 20.17
CA SER C 38 10.48 -21.92 21.48
C SER C 38 8.96 -22.05 21.63
N ASP C 39 8.18 -21.34 20.80
CA ASP C 39 6.70 -21.33 20.86
C ASP C 39 6.11 -22.47 20.03
N LYS C 40 6.82 -22.94 19.01
CA LYS C 40 6.37 -24.08 18.18
C LYS C 40 6.37 -25.34 19.06
N ILE C 41 7.18 -25.37 20.13
CA ILE C 41 7.41 -26.55 21.01
C ILE C 41 6.07 -27.07 21.55
N PHE C 42 5.20 -26.19 22.06
CA PHE C 42 3.88 -26.73 22.45
C PHE C 42 2.86 -26.64 21.32
N PRO C 43 1.95 -25.63 21.24
CA PRO C 43 0.83 -25.73 20.33
C PRO C 43 1.06 -25.28 18.89
N GLY C 44 2.02 -24.41 18.70
CA GLY C 44 2.21 -23.76 17.39
C GLY C 44 2.50 -24.71 16.23
N LEU C 45 3.19 -25.84 16.44
CA LEU C 45 3.92 -26.53 15.32
C LEU C 45 2.94 -26.91 14.21
N ALA C 46 3.29 -26.48 12.99
CA ALA C 46 2.61 -26.80 11.72
C ALA C 46 1.27 -26.04 11.62
N CYS C 47 1.06 -25.02 12.44
CA CYS C 47 -0.19 -24.24 12.44
C CYS C 47 -0.16 -23.19 11.34
N ARG C 48 -1.33 -22.98 10.79
CA ARG C 48 -1.70 -21.93 9.82
C ARG C 48 -2.92 -21.21 10.41
N CYS C 49 -3.16 -19.96 10.02
CA CYS C 49 -4.36 -19.20 10.47
C CYS C 49 -4.52 -19.25 11.99
N THR C 50 -3.43 -19.17 12.73
CA THR C 50 -3.47 -19.19 14.22
C THR C 50 -4.22 -17.96 14.74
N LYS C 51 -4.96 -18.16 15.82
CA LYS C 51 -6.01 -17.24 16.30
C LYS C 51 -6.13 -17.42 17.80
N TYR C 52 -6.06 -16.32 18.55
CA TYR C 52 -6.35 -16.30 20.01
C TYR C 52 -7.62 -15.48 20.27
N GLU C 53 -8.71 -16.13 20.64
CA GLU C 53 -9.92 -15.45 21.20
C GLU C 53 -9.74 -15.34 22.71
N PHE C 54 -9.25 -14.20 23.11
CA PHE C 54 -9.12 -13.94 24.55
C PHE C 54 -10.52 -13.68 25.04
N SER C 55 -10.88 -14.23 26.19
CA SER C 55 -12.19 -13.87 26.76
C SER C 55 -12.01 -12.48 27.37
N GLY C 56 -12.80 -12.13 28.36
CA GLY C 56 -12.49 -10.85 29.02
C GLY C 56 -11.73 -11.10 30.29
N LEU C 57 -11.57 -10.09 31.14
CA LEU C 57 -10.97 -10.42 32.44
C LEU C 57 -12.06 -11.10 33.24
N LYS C 58 -11.72 -12.14 33.99
CA LYS C 58 -12.66 -12.85 34.87
C LYS C 58 -12.03 -12.88 36.27
N ARG C 59 -12.79 -13.26 37.29
CA ARG C 59 -12.37 -13.26 38.71
C ARG C 59 -12.81 -14.58 39.36
N ASP C 60 -11.89 -15.24 40.07
CA ASP C 60 -12.21 -16.24 41.13
C ASP C 60 -11.54 -15.73 42.41
N GLY C 61 -12.33 -15.27 43.38
CA GLY C 61 -11.86 -14.48 44.52
C GLY C 61 -10.87 -13.41 44.07
N ASN C 62 -9.62 -13.54 44.50
CA ASN C 62 -8.54 -12.54 44.31
C ASN C 62 -7.72 -12.84 43.04
N LEU C 63 -8.06 -13.92 42.33
CA LEU C 63 -7.44 -14.28 41.04
C LEU C 63 -8.11 -13.47 39.93
N GLY C 64 -7.29 -12.68 39.25
CA GLY C 64 -7.53 -12.23 37.88
C GLY C 64 -7.04 -13.32 36.93
N TYR C 65 -7.84 -13.61 35.93
CA TYR C 65 -7.43 -14.51 34.85
C TYR C 65 -8.30 -14.25 33.62
N VAL C 66 -7.73 -14.55 32.46
CA VAL C 66 -8.39 -14.52 31.12
C VAL C 66 -8.30 -15.93 30.56
N LEU C 67 -9.40 -16.46 30.03
CA LEU C 67 -9.38 -17.68 29.18
C LEU C 67 -8.90 -17.28 27.78
N ILE C 68 -8.17 -18.16 27.10
CA ILE C 68 -7.79 -18.02 25.66
C ILE C 68 -8.28 -19.27 24.95
N ASN C 69 -9.08 -19.10 23.90
CA ASN C 69 -9.28 -20.14 22.86
C ASN C 69 -8.20 -19.96 21.81
N PHE C 70 -7.31 -20.94 21.74
CA PHE C 70 -6.37 -21.10 20.61
C PHE C 70 -7.08 -21.93 19.55
N SER C 71 -7.04 -21.48 18.31
CA SER C 71 -7.49 -22.30 17.16
C SER C 71 -6.49 -22.11 16.02
N CYS C 72 -6.15 -23.19 15.33
CA CYS C 72 -5.37 -23.10 14.08
C CYS C 72 -5.85 -24.17 13.11
N ALA C 73 -5.50 -23.99 11.84
CA ALA C 73 -5.51 -25.06 10.82
C ALA C 73 -4.14 -25.74 10.87
N ARG C 74 -4.04 -26.86 11.58
CA ARG C 74 -2.78 -27.61 11.70
C ARG C 74 -2.59 -28.48 10.45
N ASN C 75 -1.45 -28.34 9.78
CA ASN C 75 -1.20 -28.98 8.48
C ASN C 75 -0.47 -30.31 8.71
N PHE C 76 -1.10 -31.42 8.33
CA PHE C 76 -0.57 -32.80 8.44
C PHE C 76 -0.19 -33.28 7.03
N ILE C 77 0.31 -32.36 6.20
CA ILE C 77 0.86 -32.56 4.82
C ILE C 77 -0.19 -33.18 3.88
N PHE C 78 -0.86 -34.28 4.26
CA PHE C 78 -1.90 -34.96 3.44
C PHE C 78 -3.30 -34.48 3.85
N GLY C 79 -3.41 -33.19 4.21
CA GLY C 79 -4.65 -32.54 4.70
C GLY C 79 -4.35 -31.66 5.90
N GLU C 80 -5.30 -30.76 6.22
CA GLU C 80 -5.29 -29.89 7.42
C GLU C 80 -6.48 -30.23 8.32
N LYS C 81 -6.21 -30.50 9.59
CA LYS C 81 -7.22 -30.63 10.67
C LYS C 81 -7.29 -29.29 11.41
N LYS C 82 -8.49 -28.84 11.78
CA LYS C 82 -8.67 -27.74 12.76
C LYS C 82 -8.19 -28.26 14.13
N SER C 83 -7.46 -27.44 14.87
CA SER C 83 -6.98 -27.75 16.23
C SER C 83 -7.40 -26.62 17.18
N GLU C 84 -8.23 -26.95 18.19
CA GLU C 84 -8.74 -26.02 19.23
C GLU C 84 -8.19 -26.43 20.59
N MET C 85 -7.75 -25.48 21.40
CA MET C 85 -7.40 -25.73 22.82
C MET C 85 -7.69 -24.47 23.64
N THR C 86 -8.11 -24.65 24.88
CA THR C 86 -8.26 -23.54 25.84
C THR C 86 -7.02 -23.43 26.72
N PHE C 87 -6.56 -22.20 26.93
CA PHE C 87 -5.55 -21.82 27.95
C PHE C 87 -6.20 -20.90 28.99
N LYS C 88 -5.54 -20.73 30.13
CA LYS C 88 -5.95 -19.80 31.19
C LYS C 88 -4.71 -19.03 31.61
N LEU C 89 -4.69 -17.72 31.36
CA LEU C 89 -3.67 -16.79 31.87
C LEU C 89 -4.12 -16.38 33.26
N ILE C 90 -3.41 -16.76 34.32
CA ILE C 90 -3.70 -16.27 35.69
C ILE C 90 -2.60 -15.30 36.09
N LEU C 91 -2.97 -14.09 36.52
CA LEU C 91 -2.00 -13.11 37.06
C LEU C 91 -1.34 -13.69 38.30
N ASN C 92 -0.03 -13.51 38.40
CA ASN C 92 0.80 -14.09 39.50
C ASN C 92 0.47 -13.36 40.80
N LYS C 93 0.36 -12.04 40.78
CA LYS C 93 -0.03 -11.25 41.96
C LYS C 93 -1.54 -11.21 42.05
N PRO C 94 -2.12 -11.25 43.27
CA PRO C 94 -3.57 -11.18 43.44
C PRO C 94 -4.01 -9.82 42.90
N LEU C 95 -5.30 -9.65 42.57
CA LEU C 95 -5.84 -8.43 41.91
C LEU C 95 -7.02 -7.89 42.74
N ASP C 96 -6.86 -6.69 43.31
CA ASP C 96 -7.91 -6.02 44.15
C ASP C 96 -9.10 -5.66 43.25
N GLU C 97 -10.32 -5.76 43.79
CA GLU C 97 -11.62 -5.68 43.04
C GLU C 97 -12.08 -4.21 42.90
N ASN C 98 -11.24 -3.24 43.28
CA ASN C 98 -11.46 -1.79 43.03
C ASN C 98 -10.87 -1.42 41.67
N THR C 99 -9.77 -2.06 41.26
CA THR C 99 -9.05 -1.79 39.99
C THR C 99 -9.05 -3.00 39.05
N THR C 100 -8.90 -2.70 37.76
CA THR C 100 -8.95 -3.63 36.60
C THR C 100 -7.62 -3.48 35.85
N THR C 101 -6.69 -2.70 36.39
CA THR C 101 -5.40 -2.29 35.76
C THR C 101 -4.23 -2.84 36.57
N VAL C 102 -3.14 -3.25 35.92
CA VAL C 102 -1.94 -3.84 36.60
C VAL C 102 -0.69 -3.11 36.10
N GLU C 103 0.29 -2.87 36.96
CA GLU C 103 1.49 -2.11 36.54
C GLU C 103 2.16 -2.91 35.41
N GLU C 104 2.32 -4.21 35.62
CA GLU C 104 2.86 -5.17 34.61
C GLU C 104 1.94 -6.38 34.56
N PHE C 105 1.53 -6.79 33.36
CA PHE C 105 0.85 -8.09 33.15
C PHE C 105 1.91 -9.18 33.20
N ASN C 106 1.86 -9.99 34.25
CA ASN C 106 2.76 -11.12 34.51
C ASN C 106 1.91 -12.26 35.06
N ALA C 107 1.78 -13.34 34.31
CA ALA C 107 0.81 -14.41 34.59
C ALA C 107 1.48 -15.78 34.44
N SER C 108 0.74 -16.80 34.88
CA SER C 108 1.00 -18.23 34.67
C SER C 108 0.02 -18.71 33.62
N ILE C 109 0.50 -19.20 32.47
CA ILE C 109 -0.38 -19.79 31.41
C ILE C 109 -0.57 -21.28 31.74
N TYR C 110 -1.82 -21.72 31.87
CA TYR C 110 -2.22 -23.12 32.14
C TYR C 110 -2.89 -23.68 30.88
N LEU C 111 -2.72 -24.96 30.61
CA LEU C 111 -3.62 -25.72 29.71
C LEU C 111 -4.87 -26.05 30.53
N VAL C 112 -6.04 -25.94 29.92
CA VAL C 112 -7.35 -26.12 30.60
C VAL C 112 -8.17 -27.08 29.74
N GLN C 113 -8.80 -28.06 30.40
CA GLN C 113 -9.82 -28.96 29.82
C GLN C 113 -10.72 -29.41 30.96
N GLY C 114 -12.05 -29.24 30.81
CA GLY C 114 -12.99 -29.28 31.94
C GLY C 114 -12.44 -28.46 33.10
N ASN C 115 -12.49 -29.03 34.30
CA ASN C 115 -12.05 -28.38 35.57
C ASN C 115 -10.58 -28.67 35.85
N GLN C 116 -9.96 -29.58 35.08
CA GLN C 116 -8.53 -29.93 35.23
C GLN C 116 -7.71 -28.82 34.58
N GLN C 117 -6.54 -28.51 35.14
CA GLN C 117 -5.63 -27.45 34.62
C GLN C 117 -4.19 -27.83 34.90
N ILE C 118 -3.25 -27.49 34.00
CA ILE C 118 -1.82 -27.87 34.08
C ILE C 118 -0.95 -26.65 33.75
N LEU C 119 -0.03 -26.27 34.64
CA LEU C 119 0.86 -25.09 34.48
C LEU C 119 1.85 -25.39 33.37
N LEU C 120 1.86 -24.59 32.31
CA LEU C 120 2.84 -24.67 31.19
C LEU C 120 3.99 -23.70 31.48
N ASN C 121 3.70 -22.46 31.86
CA ASN C 121 4.74 -21.43 32.15
C ASN C 121 4.30 -20.59 33.34
N GLY C 122 5.18 -20.43 34.32
CA GLY C 122 4.95 -19.60 35.52
C GLY C 122 5.16 -18.11 35.24
N ASN C 123 5.83 -17.72 34.15
CA ASN C 123 6.14 -16.29 33.87
C ASN C 123 5.96 -15.96 32.38
N ILE C 124 4.72 -15.69 31.97
CA ILE C 124 4.39 -15.03 30.68
C ILE C 124 4.06 -13.55 30.94
N ASN C 125 4.59 -12.66 30.11
CA ASN C 125 4.37 -11.18 30.20
C ASN C 125 3.78 -10.65 28.88
N ILE C 126 2.82 -9.72 28.97
CA ILE C 126 2.61 -8.73 27.89
C ILE C 126 3.85 -7.85 27.91
N ILE C 127 4.63 -7.84 26.84
CA ILE C 127 5.89 -7.02 26.74
C ILE C 127 5.52 -5.63 26.21
N TYR C 128 4.75 -5.59 25.11
CA TYR C 128 4.35 -4.38 24.36
C TYR C 128 2.87 -4.51 24.01
N ALA C 129 2.11 -3.44 24.19
CA ALA C 129 0.70 -3.31 23.74
C ALA C 129 0.52 -1.95 23.08
N GLU C 130 -0.02 -1.91 21.87
CA GLU C 130 -0.42 -0.65 21.19
C GLU C 130 -1.91 -0.50 21.47
N LEU C 131 -2.32 0.66 21.99
CA LEU C 131 -3.74 1.05 22.12
C LEU C 131 -4.11 1.80 20.85
N ASN C 132 -5.30 1.55 20.29
CA ASN C 132 -5.81 2.27 19.09
C ASN C 132 -6.79 3.35 19.57
N GLU C 133 -7.38 4.11 18.64
CA GLU C 133 -8.28 5.25 18.96
C GLU C 133 -9.31 4.86 20.03
N GLN C 134 -9.93 3.69 19.97
CA GLN C 134 -11.04 3.34 20.90
C GLN C 134 -10.49 2.74 22.20
N ASN C 135 -9.26 3.06 22.61
CA ASN C 135 -8.59 2.53 23.84
C ASN C 135 -8.76 1.02 23.92
N GLU C 136 -8.23 0.33 22.91
CA GLU C 136 -8.26 -1.14 22.81
C GLU C 136 -6.92 -1.60 22.23
N PHE C 137 -6.67 -2.91 22.31
CA PHE C 137 -5.41 -3.54 21.86
C PHE C 137 -5.48 -3.78 20.36
N GLU C 138 -4.55 -3.14 19.64
CA GLU C 138 -4.26 -3.36 18.21
C GLU C 138 -3.14 -4.43 18.11
N HIS C 139 -2.08 -4.29 18.89
CA HIS C 139 -0.92 -5.21 18.87
C HIS C 139 -0.59 -5.66 20.30
N LEU C 140 -0.21 -6.93 20.46
CA LEU C 140 0.31 -7.52 21.73
C LEU C 140 1.56 -8.33 21.40
N ILE C 141 2.61 -8.14 22.19
CA ILE C 141 3.75 -9.09 22.28
C ILE C 141 3.70 -9.77 23.64
N LEU C 142 3.52 -11.08 23.67
CA LEU C 142 3.64 -11.94 24.88
C LEU C 142 5.04 -12.58 24.88
N GLY C 143 5.71 -12.63 26.03
CA GLY C 143 7.06 -13.20 26.16
C GLY C 143 7.36 -13.58 27.60
N GLY C 144 8.49 -14.25 27.80
CA GLY C 144 9.05 -14.54 29.14
C GLY C 144 10.06 -13.50 29.53
N GLN C 145 10.91 -13.79 30.51
CA GLN C 145 11.93 -12.84 31.02
C GLN C 145 13.22 -13.00 30.22
N LYS C 146 13.33 -14.04 29.39
CA LYS C 146 14.54 -14.36 28.57
C LYS C 146 14.17 -14.47 27.09
N SER C 147 15.12 -14.12 26.21
CA SER C 147 14.96 -14.03 24.72
C SER C 147 14.53 -15.37 24.12
N ILE C 148 15.00 -16.48 24.71
CA ILE C 148 14.83 -17.87 24.18
C ILE C 148 13.53 -18.48 24.74
N GLU C 149 12.76 -17.74 25.53
CA GLU C 149 11.48 -18.26 26.08
C GLU C 149 10.34 -17.86 25.14
N PRO C 150 9.25 -18.65 25.07
CA PRO C 150 8.26 -18.51 24.00
C PRO C 150 7.77 -17.07 23.88
N MET C 151 7.90 -16.48 22.70
CA MET C 151 7.42 -15.12 22.37
C MET C 151 6.49 -15.19 21.16
N ILE C 152 5.40 -14.40 21.21
CA ILE C 152 4.28 -14.36 20.23
C ILE C 152 4.02 -12.90 19.89
N ILE C 153 3.98 -12.55 18.59
CA ILE C 153 3.46 -11.23 18.11
C ILE C 153 2.06 -11.47 17.55
N MET C 154 1.04 -10.89 18.16
CA MET C 154 -0.35 -10.97 17.66
C MET C 154 -0.95 -9.57 17.45
N SER C 155 -1.97 -9.49 16.59
CA SER C 155 -2.56 -8.24 16.11
C SER C 155 -4.08 -8.39 16.00
N LYS C 156 -4.78 -7.27 15.99
CA LYS C 156 -6.24 -7.17 15.84
C LYS C 156 -6.59 -7.60 14.41
N TYR C 157 -5.61 -7.57 13.52
CA TYR C 157 -5.72 -7.82 12.07
C TYR C 157 -4.82 -9.01 11.68
N ARG C 158 -5.21 -9.77 10.66
CA ARG C 158 -4.41 -10.90 10.09
C ARG C 158 -3.05 -10.43 9.59
N THR C 159 -3.02 -9.30 8.87
CA THR C 159 -1.79 -8.71 8.29
C THR C 159 -1.48 -7.38 8.96
N VAL C 160 -0.22 -6.97 8.90
CA VAL C 160 0.29 -5.63 9.31
C VAL C 160 1.26 -5.13 8.23
N LEU C 161 1.25 -3.85 7.91
CA LEU C 161 2.12 -3.27 6.85
C LEU C 161 3.57 -3.30 7.34
N LEU C 162 4.55 -3.35 6.43
CA LEU C 162 5.99 -3.51 6.80
C LEU C 162 6.31 -2.54 7.94
N ASP C 163 5.84 -1.29 7.89
CA ASP C 163 6.08 -0.27 8.94
C ASP C 163 5.73 -0.84 10.32
N THR C 164 4.44 -1.17 10.54
CA THR C 164 3.93 -1.79 11.79
C THR C 164 4.91 -2.88 12.24
N TYR C 165 5.29 -3.77 11.32
CA TYR C 165 6.07 -4.98 11.65
C TYR C 165 7.44 -4.56 12.18
N ASN C 166 8.05 -3.55 11.57
CA ASN C 166 9.42 -3.10 11.97
C ASN C 166 9.32 -2.42 13.34
N LYS C 167 8.20 -1.75 13.62
CA LYS C 167 7.95 -1.16 14.97
C LYS C 167 7.89 -2.29 16.00
N LEU C 168 7.06 -3.31 15.75
CA LEU C 168 6.88 -4.49 16.64
C LEU C 168 8.22 -5.20 16.86
N ILE C 169 9.03 -5.31 15.81
CA ILE C 169 10.38 -5.94 15.91
C ILE C 169 11.29 -4.98 16.67
N ASN C 170 11.19 -3.68 16.43
CA ASN C 170 12.03 -2.69 17.15
C ASN C 170 11.60 -2.69 18.64
N SER C 171 10.30 -2.81 18.90
CA SER C 171 9.73 -2.99 20.26
C SER C 171 10.43 -4.17 20.95
N LEU C 172 10.61 -5.30 20.27
CA LEU C 172 11.30 -6.49 20.87
C LEU C 172 12.74 -6.11 21.27
N TYR C 173 13.42 -5.32 20.43
CA TYR C 173 14.82 -4.83 20.63
C TYR C 173 14.89 -4.02 21.92
N LEU C 174 14.08 -2.97 22.01
CA LEU C 174 14.06 -2.03 23.16
C LEU C 174 13.66 -2.80 24.42
N ALA C 175 12.90 -3.89 24.24
CA ALA C 175 12.55 -4.85 25.31
C ALA C 175 13.80 -5.65 25.73
N GLY C 176 14.76 -5.83 24.81
CA GLY C 176 16.07 -6.44 25.11
C GLY C 176 16.20 -7.85 24.59
N TYR C 177 15.72 -8.09 23.36
CA TYR C 177 15.99 -9.33 22.57
C TYR C 177 17.30 -9.11 21.83
N GLU C 178 18.18 -10.12 21.75
CA GLU C 178 19.42 -9.99 20.96
C GLU C 178 19.00 -9.53 19.58
N PRO C 179 19.58 -8.44 19.04
CA PRO C 179 19.26 -8.00 17.68
C PRO C 179 19.41 -9.10 16.61
N SER C 180 20.23 -10.11 16.89
CA SER C 180 20.56 -11.24 15.97
C SER C 180 19.39 -12.22 15.87
N LEU C 181 18.52 -12.28 16.90
CA LEU C 181 17.37 -13.23 16.98
C LEU C 181 16.09 -12.63 16.39
N LEU C 182 16.20 -11.60 15.55
CA LEU C 182 15.01 -10.84 15.08
C LEU C 182 14.77 -11.09 13.60
N THR C 183 15.47 -12.07 13.06
CA THR C 183 15.31 -12.45 11.64
C THR C 183 14.85 -13.90 11.54
N TRP C 184 14.60 -14.32 10.30
CA TRP C 184 13.97 -15.60 9.90
C TRP C 184 14.16 -16.83 10.78
N PRO C 185 15.36 -17.40 11.03
CA PRO C 185 15.42 -18.70 11.67
C PRO C 185 14.76 -18.69 13.04
N PHE C 186 14.91 -17.56 13.71
CA PHE C 186 14.49 -17.35 15.11
C PHE C 186 13.09 -16.72 15.18
N ILE C 187 12.73 -15.83 14.24
CA ILE C 187 11.34 -15.28 14.08
C ILE C 187 10.67 -15.93 12.86
N ILE C 188 9.56 -16.63 13.08
CA ILE C 188 8.80 -17.35 12.01
C ILE C 188 7.45 -16.66 11.82
N GLN C 189 7.19 -16.16 10.60
CA GLN C 189 5.86 -15.59 10.18
C GLN C 189 4.85 -16.73 10.12
N THR C 190 3.70 -16.55 10.77
CA THR C 190 2.56 -17.49 10.71
C THR C 190 1.86 -17.28 9.37
N ASP C 191 1.49 -18.33 8.65
CA ASP C 191 0.80 -18.18 7.35
C ASP C 191 -0.68 -17.92 7.60
N GLN C 192 -1.20 -16.74 7.22
CA GLN C 192 -2.60 -16.33 7.55
C GLN C 192 -3.49 -16.30 6.29
N THR C 193 -2.93 -16.79 5.20
CA THR C 193 -3.45 -16.64 3.82
C THR C 193 -4.89 -17.07 3.61
N PHE C 194 -5.15 -18.37 3.57
CA PHE C 194 -6.55 -18.74 3.29
C PHE C 194 -7.35 -18.63 4.58
N CYS C 195 -7.39 -19.70 5.33
CA CYS C 195 -8.13 -19.56 6.60
C CYS C 195 -9.55 -19.05 6.31
N GLY D 12 12.00 34.08 -2.61
CA GLY D 12 11.26 33.67 -3.83
C GLY D 12 12.12 32.95 -4.86
N VAL D 13 13.44 32.84 -4.66
CA VAL D 13 14.41 32.41 -5.72
C VAL D 13 14.73 30.91 -5.60
N VAL D 14 14.61 30.21 -6.73
CA VAL D 14 14.72 28.73 -6.81
C VAL D 14 16.08 28.38 -7.40
N HIS D 15 16.79 27.41 -6.84
CA HIS D 15 18.04 26.88 -7.45
C HIS D 15 17.80 25.42 -7.84
N VAL D 16 18.37 25.02 -8.98
CA VAL D 16 18.45 23.60 -9.45
C VAL D 16 19.09 22.73 -8.36
N LEU D 17 18.55 21.53 -8.10
CA LEU D 17 19.13 20.53 -7.15
C LEU D 17 19.85 19.42 -7.95
N SER D 18 19.21 18.85 -8.96
CA SER D 18 19.78 17.80 -9.83
C SER D 18 20.74 18.43 -10.83
N LYS D 19 22.05 18.26 -10.65
CA LYS D 19 23.09 18.73 -11.59
C LYS D 19 23.57 17.54 -12.44
N ASN D 20 24.36 17.80 -13.47
CA ASN D 20 24.98 16.75 -14.33
C ASN D 20 23.89 15.84 -14.90
N ILE D 21 22.83 16.42 -15.43
CA ILE D 21 21.69 15.71 -16.06
C ILE D 21 22.05 15.25 -17.48
N ASP D 22 21.80 13.98 -17.80
CA ASP D 22 21.95 13.40 -19.15
C ASP D 22 20.63 13.62 -19.92
N VAL D 23 20.64 14.56 -20.85
CA VAL D 23 19.45 14.95 -21.65
C VAL D 23 19.08 13.80 -22.59
N LYS D 24 20.01 12.90 -22.89
CA LYS D 24 19.71 11.70 -23.74
C LYS D 24 18.45 11.04 -23.18
N ASN D 25 18.43 10.87 -21.84
CA ASN D 25 17.44 10.05 -21.09
C ASN D 25 16.41 10.99 -20.46
N LEU D 26 16.03 12.02 -21.21
CA LEU D 26 14.80 12.82 -21.05
C LEU D 26 13.89 12.47 -22.23
N GLN D 27 13.31 11.27 -22.21
CA GLN D 27 12.57 10.66 -23.34
C GLN D 27 11.32 9.91 -22.85
N GLY D 28 10.33 9.76 -23.74
CA GLY D 28 9.10 8.99 -23.49
C GLY D 28 8.18 9.71 -22.53
N THR D 29 7.32 8.97 -21.85
CA THR D 29 6.02 9.47 -21.35
C THR D 29 6.08 9.74 -19.85
N PHE D 30 5.91 11.00 -19.47
CA PHE D 30 5.67 11.39 -18.06
C PHE D 30 4.21 11.80 -17.94
N TYR D 31 3.61 11.42 -16.81
CA TYR D 31 2.27 11.82 -16.35
C TYR D 31 2.48 12.98 -15.37
N GLU D 32 1.65 14.01 -15.50
CA GLU D 32 1.63 15.16 -14.60
C GLU D 32 0.93 14.75 -13.32
N ILE D 33 1.67 14.82 -12.21
CA ILE D 33 1.18 14.56 -10.83
C ILE D 33 0.52 15.83 -10.30
N ALA D 34 1.29 16.92 -10.25
CA ALA D 34 0.83 18.19 -9.65
C ALA D 34 1.50 19.36 -10.35
N THR D 35 0.98 20.54 -10.03
CA THR D 35 1.24 21.83 -10.71
C THR D 35 1.03 22.93 -9.69
N ASN D 36 1.66 24.08 -9.86
CA ASN D 36 1.26 25.32 -9.14
C ASN D 36 0.21 26.03 -10.00
N ALA D 37 -0.39 27.10 -9.47
CA ALA D 37 -1.44 27.92 -10.13
C ALA D 37 -0.97 28.37 -11.51
N SER D 38 0.26 28.87 -11.60
CA SER D 38 0.84 29.59 -12.77
C SER D 38 0.91 28.73 -14.04
N ASP D 39 1.02 27.40 -13.96
CA ASP D 39 1.09 26.56 -15.19
C ASP D 39 -0.27 26.58 -15.91
N LYS D 40 -1.36 26.57 -15.15
CA LYS D 40 -2.77 26.61 -15.65
C LYS D 40 -2.96 27.74 -16.68
N ILE D 41 -2.29 28.88 -16.46
CA ILE D 41 -2.45 30.13 -17.26
C ILE D 41 -2.34 29.80 -18.74
N PHE D 42 -1.38 28.95 -19.10
CA PHE D 42 -1.35 28.59 -20.54
C PHE D 42 -2.17 27.32 -20.80
N PRO D 43 -1.59 26.10 -20.89
CA PRO D 43 -2.35 24.96 -21.39
C PRO D 43 -3.05 24.06 -20.39
N GLY D 44 -2.53 23.97 -19.17
CA GLY D 44 -3.07 23.03 -18.19
C GLY D 44 -4.40 23.43 -17.60
N LEU D 45 -5.17 24.26 -18.29
CA LEU D 45 -6.47 24.62 -17.64
C LEU D 45 -7.56 23.60 -18.01
N ALA D 46 -8.30 23.15 -17.00
CA ALA D 46 -9.39 22.16 -17.14
C ALA D 46 -8.84 20.83 -17.67
N CYS D 47 -7.53 20.59 -17.56
CA CYS D 47 -6.88 19.35 -18.07
C CYS D 47 -6.95 18.26 -17.00
N ARG D 48 -7.39 17.08 -17.40
CA ARG D 48 -7.22 15.82 -16.65
C ARG D 48 -6.23 14.97 -17.45
N CYS D 49 -5.67 13.90 -16.86
CA CYS D 49 -4.92 12.85 -17.60
C CYS D 49 -3.74 13.45 -18.36
N THR D 50 -3.17 14.54 -17.83
CA THR D 50 -2.14 15.35 -18.52
C THR D 50 -0.88 14.51 -18.60
N LYS D 51 -0.14 14.67 -19.69
CA LYS D 51 0.88 13.72 -20.15
C LYS D 51 1.84 14.47 -21.08
N TYR D 52 3.15 14.36 -20.81
CA TYR D 52 4.24 14.93 -21.63
C TYR D 52 5.06 13.80 -22.22
N GLU D 53 4.96 13.52 -23.52
CA GLU D 53 5.91 12.62 -24.23
C GLU D 53 7.10 13.44 -24.69
N PHE D 54 8.27 13.27 -24.09
CA PHE D 54 9.54 13.92 -24.52
C PHE D 54 10.19 13.09 -25.64
N SER D 55 10.80 13.76 -26.62
CA SER D 55 11.43 13.17 -27.82
C SER D 55 12.82 12.63 -27.50
N GLY D 56 13.41 12.97 -26.34
CA GLY D 56 14.84 12.81 -26.09
C GLY D 56 15.64 13.85 -26.83
N LEU D 57 16.91 14.05 -26.45
CA LEU D 57 17.79 15.12 -26.96
C LEU D 57 17.84 15.08 -28.48
N LYS D 58 17.67 16.23 -29.14
CA LYS D 58 17.89 16.39 -30.60
C LYS D 58 18.98 17.45 -30.76
N ARG D 59 19.60 17.53 -31.93
CA ARG D 59 20.73 18.46 -32.18
C ARG D 59 20.51 19.20 -33.48
N ASP D 60 20.82 20.49 -33.44
CA ASP D 60 20.80 21.39 -34.60
C ASP D 60 22.21 21.96 -34.62
N GLY D 61 23.19 21.05 -34.51
CA GLY D 61 24.61 21.37 -34.47
C GLY D 61 25.05 21.72 -33.07
N ASN D 62 24.97 22.99 -32.73
CA ASN D 62 25.41 23.55 -31.43
C ASN D 62 24.21 23.62 -30.48
N LEU D 63 23.01 23.58 -31.04
CA LEU D 63 21.73 23.76 -30.30
C LEU D 63 21.22 22.40 -29.82
N GLY D 64 21.19 22.18 -28.51
CA GLY D 64 20.38 21.12 -27.87
C GLY D 64 18.91 21.53 -27.72
N TYR D 65 18.00 20.64 -28.10
CA TYR D 65 16.55 20.84 -27.95
C TYR D 65 15.83 19.50 -27.85
N VAL D 66 14.67 19.53 -27.19
CA VAL D 66 13.75 18.38 -26.94
C VAL D 66 12.35 18.80 -27.39
N LEU D 67 11.61 17.93 -28.06
CA LEU D 67 10.17 18.19 -28.32
C LEU D 67 9.34 17.57 -27.20
N ILE D 68 8.16 18.10 -26.95
CA ILE D 68 7.18 17.55 -25.97
C ILE D 68 5.83 17.51 -26.67
N ASN D 69 5.21 16.34 -26.81
CA ASN D 69 3.75 16.26 -27.13
C ASN D 69 3.01 16.32 -25.79
N PHE D 70 2.50 17.50 -25.50
CA PHE D 70 1.52 17.72 -24.43
C PHE D 70 0.17 17.23 -24.96
N SER D 71 -0.52 16.43 -24.16
CA SER D 71 -1.89 15.93 -24.41
C SER D 71 -2.63 15.87 -23.08
N CYS D 72 -3.91 16.21 -23.11
CA CYS D 72 -4.79 16.07 -21.93
C CYS D 72 -6.22 15.90 -22.40
N ALA D 73 -7.08 15.49 -21.48
CA ALA D 73 -8.55 15.50 -21.60
C ALA D 73 -9.01 16.84 -21.05
N ARG D 74 -9.38 17.78 -21.90
CA ARG D 74 -9.82 19.11 -21.42
C ARG D 74 -11.31 19.00 -21.12
N ASN D 75 -11.74 19.50 -19.96
CA ASN D 75 -13.15 19.42 -19.50
C ASN D 75 -13.87 20.72 -19.84
N PHE D 76 -14.81 20.62 -20.79
CA PHE D 76 -15.65 21.71 -21.31
C PHE D 76 -17.03 21.63 -20.63
N ILE D 77 -17.07 21.09 -19.39
CA ILE D 77 -18.27 20.91 -18.50
C ILE D 77 -19.26 19.89 -19.10
N PHE D 78 -19.63 20.03 -20.38
CA PHE D 78 -20.65 19.20 -21.07
C PHE D 78 -20.00 18.07 -21.89
N GLY D 79 -18.74 17.75 -21.58
CA GLY D 79 -17.93 16.78 -22.33
C GLY D 79 -16.47 17.21 -22.39
N GLU D 80 -15.59 16.25 -22.74
CA GLU D 80 -14.13 16.44 -22.82
C GLU D 80 -13.65 16.16 -24.24
N LYS D 81 -12.99 17.13 -24.85
CA LYS D 81 -12.16 16.94 -26.06
C LYS D 81 -10.74 16.59 -25.61
N LYS D 82 -10.04 15.78 -26.40
CA LYS D 82 -8.55 15.69 -26.38
C LYS D 82 -7.99 17.07 -26.76
N SER D 83 -6.99 17.55 -26.03
CA SER D 83 -6.19 18.76 -26.35
C SER D 83 -4.74 18.31 -26.55
N GLU D 84 -4.12 18.72 -27.65
CA GLU D 84 -2.79 18.20 -28.09
C GLU D 84 -1.97 19.36 -28.65
N MET D 85 -0.81 19.59 -28.07
CA MET D 85 0.11 20.68 -28.46
C MET D 85 1.52 20.12 -28.52
N THR D 86 2.39 20.72 -29.32
CA THR D 86 3.84 20.44 -29.30
C THR D 86 4.59 21.65 -28.71
N PHE D 87 5.56 21.37 -27.83
CA PHE D 87 6.53 22.35 -27.30
C PHE D 87 7.93 21.96 -27.77
N LYS D 88 8.86 22.92 -27.76
CA LYS D 88 10.30 22.69 -28.04
C LYS D 88 11.07 23.29 -26.87
N LEU D 89 11.90 22.51 -26.18
CA LEU D 89 12.83 23.04 -25.15
C LEU D 89 14.21 23.25 -25.78
N ILE D 90 14.64 24.50 -26.00
CA ILE D 90 16.03 24.79 -26.49
C ILE D 90 16.90 25.09 -25.27
N LEU D 91 18.01 24.39 -25.10
CA LEU D 91 18.98 24.70 -24.04
C LEU D 91 19.59 26.08 -24.31
N ASN D 92 19.75 26.88 -23.26
CA ASN D 92 20.06 28.33 -23.37
C ASN D 92 21.57 28.54 -23.65
N LYS D 93 22.44 27.62 -23.21
CA LYS D 93 23.88 27.64 -23.53
C LYS D 93 24.09 26.58 -24.60
N PRO D 94 25.04 26.75 -25.53
CA PRO D 94 25.22 25.81 -26.63
C PRO D 94 25.75 24.49 -26.05
N LEU D 95 25.47 23.36 -26.72
CA LEU D 95 25.76 21.97 -26.27
C LEU D 95 26.69 21.27 -27.26
N ASP D 96 27.89 20.89 -26.82
CA ASP D 96 28.92 20.19 -27.65
C ASP D 96 28.36 18.84 -28.10
N GLU D 97 28.65 18.40 -29.34
CA GLU D 97 28.17 17.10 -29.92
C GLU D 97 28.92 15.90 -29.33
N ASN D 98 30.00 16.14 -28.57
CA ASN D 98 30.77 15.08 -27.86
C ASN D 98 29.96 14.67 -26.60
N THR D 99 29.48 15.65 -25.83
CA THR D 99 28.78 15.48 -24.52
C THR D 99 27.26 15.46 -24.73
N THR D 100 26.54 14.82 -23.81
CA THR D 100 25.07 14.56 -23.88
C THR D 100 24.44 15.03 -22.55
N THR D 101 25.21 15.80 -21.77
CA THR D 101 25.02 16.01 -20.31
C THR D 101 25.39 17.44 -19.95
N VAL D 102 24.47 18.17 -19.31
CA VAL D 102 24.60 19.62 -18.98
C VAL D 102 24.74 19.72 -17.46
N GLU D 103 25.43 20.74 -16.96
CA GLU D 103 25.66 20.92 -15.50
C GLU D 103 24.30 21.25 -14.88
N GLU D 104 23.56 22.19 -15.47
CA GLU D 104 22.14 22.48 -15.17
C GLU D 104 21.33 22.44 -16.47
N PHE D 105 20.14 21.86 -16.44
CA PHE D 105 19.13 22.01 -17.51
C PHE D 105 18.40 23.34 -17.28
N ASN D 106 18.84 24.39 -17.99
CA ASN D 106 18.15 25.71 -18.13
C ASN D 106 17.88 25.89 -19.62
N ALA D 107 16.61 25.95 -20.00
CA ALA D 107 16.19 25.95 -21.42
C ALA D 107 15.06 26.96 -21.61
N SER D 108 14.78 27.26 -22.87
CA SER D 108 13.64 28.10 -23.29
C SER D 108 12.57 27.15 -23.81
N ILE D 109 11.30 27.47 -23.58
CA ILE D 109 10.15 26.68 -24.09
C ILE D 109 9.42 27.51 -25.14
N TYR D 110 9.18 26.92 -26.30
CA TYR D 110 8.45 27.53 -27.43
C TYR D 110 7.19 26.71 -27.65
N LEU D 111 6.09 27.35 -28.06
CA LEU D 111 4.99 26.62 -28.76
C LEU D 111 5.42 26.49 -30.22
N VAL D 112 5.13 25.37 -30.86
CA VAL D 112 5.51 25.10 -32.28
C VAL D 112 4.33 24.48 -32.99
N GLN D 113 4.30 24.65 -34.31
CA GLN D 113 3.20 24.18 -35.19
C GLN D 113 3.70 24.31 -36.62
N GLY D 114 3.90 23.17 -37.29
CA GLY D 114 4.68 23.11 -38.54
C GLY D 114 6.05 23.73 -38.33
N ASN D 115 6.43 24.71 -39.14
CA ASN D 115 7.78 25.32 -39.08
C ASN D 115 7.75 26.63 -38.27
N GLN D 116 6.70 26.91 -37.50
CA GLN D 116 6.54 28.15 -36.69
C GLN D 116 6.85 27.87 -35.22
N GLN D 117 7.43 28.83 -34.51
CA GLN D 117 7.72 28.66 -33.06
C GLN D 117 7.58 30.01 -32.38
N ILE D 118 7.02 30.05 -31.17
CA ILE D 118 6.77 31.32 -30.42
C ILE D 118 7.24 31.13 -28.97
N LEU D 119 8.25 31.91 -28.56
CA LEU D 119 8.84 31.86 -27.20
C LEU D 119 7.72 32.11 -26.18
N LEU D 120 7.60 31.28 -25.14
CA LEU D 120 6.57 31.46 -24.05
C LEU D 120 7.22 31.82 -22.71
N ASN D 121 8.45 31.34 -22.52
CA ASN D 121 9.23 31.47 -21.26
C ASN D 121 10.67 31.10 -21.58
N GLY D 122 11.62 31.99 -21.34
CA GLY D 122 13.04 31.80 -21.68
C GLY D 122 13.85 31.22 -20.52
N ASN D 123 13.22 30.88 -19.40
CA ASN D 123 13.95 30.43 -18.18
C ASN D 123 13.09 29.37 -17.43
N ILE D 124 13.12 28.14 -17.96
CA ILE D 124 12.56 26.91 -17.36
C ILE D 124 13.75 25.99 -17.05
N ASN D 125 13.74 25.34 -15.89
CA ASN D 125 14.86 24.53 -15.34
C ASN D 125 14.34 23.17 -14.88
N ILE D 126 15.08 22.08 -15.12
CA ILE D 126 14.90 20.82 -14.32
C ILE D 126 15.50 21.09 -12.93
N ILE D 127 14.65 21.31 -11.92
CA ILE D 127 15.03 21.59 -10.50
C ILE D 127 15.45 20.29 -9.84
N TYR D 128 14.73 19.21 -10.15
CA TYR D 128 14.89 17.89 -9.48
C TYR D 128 14.56 16.76 -10.46
N ALA D 129 15.50 15.83 -10.57
CA ALA D 129 15.35 14.54 -11.30
C ALA D 129 15.67 13.43 -10.29
N GLU D 130 14.81 12.43 -10.19
CA GLU D 130 15.07 11.21 -9.39
C GLU D 130 15.45 10.11 -10.38
N LEU D 131 16.64 9.54 -10.20
CA LEU D 131 17.16 8.46 -11.05
C LEU D 131 16.67 7.11 -10.51
N ASN D 132 16.24 6.22 -11.40
CA ASN D 132 15.87 4.82 -11.08
C ASN D 132 17.09 3.92 -11.44
N GLU D 133 17.00 2.61 -11.21
CA GLU D 133 18.15 1.66 -11.34
C GLU D 133 18.64 1.57 -12.80
N GLN D 134 17.76 1.71 -13.79
CA GLN D 134 18.13 1.75 -15.24
C GLN D 134 18.78 3.11 -15.53
N ASN D 135 19.11 3.88 -14.49
CA ASN D 135 19.77 5.20 -14.61
C ASN D 135 18.94 6.10 -15.52
N GLU D 136 17.61 6.13 -15.27
CA GLU D 136 16.59 6.91 -16.02
C GLU D 136 15.82 7.80 -15.05
N PHE D 137 14.92 8.63 -15.59
CA PHE D 137 14.10 9.61 -14.82
C PHE D 137 12.82 8.92 -14.38
N GLU D 138 12.71 8.78 -13.06
CA GLU D 138 11.48 8.33 -12.36
C GLU D 138 10.59 9.57 -12.16
N HIS D 139 11.22 10.67 -11.75
CA HIS D 139 10.53 11.94 -11.38
C HIS D 139 11.30 13.17 -11.88
N LEU D 140 10.61 14.11 -12.52
CA LEU D 140 11.15 15.43 -12.86
C LEU D 140 10.35 16.47 -12.10
N ILE D 141 11.00 17.53 -11.65
CA ILE D 141 10.38 18.84 -11.34
C ILE D 141 10.95 19.90 -12.29
N LEU D 142 10.11 20.41 -13.20
CA LEU D 142 10.39 21.63 -14.01
C LEU D 142 10.00 22.86 -13.20
N GLY D 143 10.54 24.05 -13.51
CA GLY D 143 10.30 25.28 -12.74
C GLY D 143 11.21 26.42 -13.16
N GLY D 144 10.76 27.66 -12.98
CA GLY D 144 11.55 28.88 -13.18
C GLY D 144 12.45 29.19 -11.99
N GLN D 145 13.03 30.40 -12.02
CA GLN D 145 13.91 30.93 -10.96
C GLN D 145 13.04 31.39 -9.78
N LYS D 146 11.75 31.57 -10.02
CA LYS D 146 10.82 32.26 -9.10
C LYS D 146 9.67 31.33 -8.73
N SER D 147 9.32 31.30 -7.44
CA SER D 147 8.29 30.41 -6.84
C SER D 147 7.00 30.47 -7.67
N ILE D 148 6.69 31.63 -8.25
CA ILE D 148 5.36 31.87 -8.91
C ILE D 148 5.47 31.70 -10.43
N GLU D 149 6.64 31.33 -10.96
CA GLU D 149 6.76 30.91 -12.38
C GLU D 149 6.15 29.52 -12.50
N PRO D 150 5.69 29.10 -13.70
CA PRO D 150 5.10 27.77 -13.87
C PRO D 150 6.07 26.68 -13.37
N MET D 151 5.60 25.86 -12.43
CA MET D 151 6.26 24.63 -11.93
C MET D 151 5.38 23.42 -12.27
N ILE D 152 5.98 22.27 -12.60
CA ILE D 152 5.26 21.00 -12.85
C ILE D 152 6.02 19.86 -12.20
N ILE D 153 5.35 19.05 -11.38
CA ILE D 153 5.87 17.74 -10.91
C ILE D 153 5.30 16.68 -11.82
N MET D 154 6.15 15.94 -12.52
CA MET D 154 5.68 14.85 -13.41
C MET D 154 6.51 13.59 -13.15
N SER D 155 5.87 12.43 -13.32
CA SER D 155 6.42 11.10 -12.97
C SER D 155 6.20 10.14 -14.13
N LYS D 156 7.01 9.08 -14.16
CA LYS D 156 6.98 7.94 -15.10
C LYS D 156 5.64 7.19 -14.92
N TYR D 157 5.05 7.29 -13.72
CA TYR D 157 3.78 6.61 -13.33
C TYR D 157 2.66 7.63 -13.08
N ARG D 158 1.42 7.27 -13.43
CA ARG D 158 0.20 8.10 -13.30
C ARG D 158 -0.04 8.50 -11.84
N THR D 159 0.46 7.73 -10.87
CA THR D 159 0.31 8.04 -9.43
C THR D 159 1.64 7.87 -8.71
N VAL D 160 1.73 8.29 -7.45
CA VAL D 160 2.94 8.07 -6.60
C VAL D 160 2.49 7.86 -5.17
N LEU D 161 3.27 7.15 -4.35
CA LEU D 161 2.95 6.92 -2.91
C LEU D 161 3.17 8.21 -2.12
N LEU D 162 2.31 8.48 -1.12
CA LEU D 162 2.42 9.63 -0.18
C LEU D 162 3.90 9.88 0.18
N ASP D 163 4.67 8.84 0.49
CA ASP D 163 6.12 8.97 0.83
C ASP D 163 6.81 9.67 -0.34
N THR D 164 6.58 9.18 -1.57
CA THR D 164 7.20 9.73 -2.81
C THR D 164 6.79 11.19 -2.95
N TYR D 165 5.49 11.47 -2.80
CA TYR D 165 4.93 12.83 -2.89
C TYR D 165 5.64 13.74 -1.87
N ASN D 166 5.71 13.33 -0.61
CA ASN D 166 6.34 14.15 0.46
C ASN D 166 7.82 14.39 0.11
N LYS D 167 8.52 13.37 -0.38
CA LYS D 167 9.93 13.53 -0.81
C LYS D 167 9.98 14.62 -1.88
N LEU D 168 9.11 14.58 -2.90
CA LEU D 168 9.11 15.54 -4.04
C LEU D 168 8.78 16.95 -3.56
N ILE D 169 7.81 17.08 -2.67
CA ILE D 169 7.39 18.40 -2.14
C ILE D 169 8.55 18.94 -1.31
N ASN D 170 9.24 18.05 -0.60
CA ASN D 170 10.42 18.43 0.22
C ASN D 170 11.51 19.07 -0.66
N SER D 171 11.77 18.48 -1.83
CA SER D 171 12.73 18.97 -2.84
C SER D 171 12.38 20.42 -3.23
N LEU D 172 11.10 20.73 -3.37
CA LEU D 172 10.66 22.11 -3.67
C LEU D 172 11.10 23.05 -2.55
N TYR D 173 11.07 22.58 -1.29
CA TYR D 173 11.42 23.39 -0.11
C TYR D 173 12.93 23.66 -0.12
N LEU D 174 13.72 22.61 -0.34
CA LEU D 174 15.20 22.67 -0.43
C LEU D 174 15.63 23.54 -1.63
N ALA D 175 14.81 23.62 -2.67
CA ALA D 175 15.13 24.40 -3.90
C ALA D 175 14.80 25.89 -3.70
N GLY D 176 13.95 26.22 -2.71
CA GLY D 176 13.67 27.61 -2.32
C GLY D 176 12.24 28.06 -2.55
N TYR D 177 11.27 27.15 -2.58
CA TYR D 177 9.84 27.50 -2.54
C TYR D 177 9.43 27.83 -1.10
N GLU D 178 8.61 28.87 -0.92
CA GLU D 178 8.05 29.24 0.42
C GLU D 178 7.29 28.03 0.93
N PRO D 179 7.57 27.58 2.17
CA PRO D 179 6.81 26.51 2.80
C PRO D 179 5.28 26.60 2.65
N SER D 180 4.72 27.82 2.61
CA SER D 180 3.26 28.10 2.56
C SER D 180 2.67 27.84 1.17
N LEU D 181 3.49 27.86 0.10
CA LEU D 181 3.01 27.62 -1.30
C LEU D 181 3.08 26.13 -1.67
N LEU D 182 3.26 25.23 -0.71
CA LEU D 182 3.42 23.77 -0.96
C LEU D 182 2.14 22.97 -0.59
N THR D 183 0.99 23.62 -0.42
CA THR D 183 -0.28 22.95 -0.03
C THR D 183 -1.39 23.46 -0.97
N TRP D 184 -2.66 23.09 -0.72
CA TRP D 184 -3.69 22.96 -1.79
C TRP D 184 -3.70 24.19 -2.69
N PRO D 185 -4.17 25.37 -2.24
CA PRO D 185 -4.65 26.40 -3.17
C PRO D 185 -3.63 26.67 -4.31
N PHE D 186 -2.33 26.54 -3.99
CA PHE D 186 -1.15 26.88 -4.81
C PHE D 186 -0.51 25.66 -5.51
N ILE D 187 -0.63 24.44 -4.94
CA ILE D 187 -0.23 23.16 -5.59
C ILE D 187 -1.50 22.37 -5.90
N ILE D 188 -1.77 22.15 -7.17
CA ILE D 188 -3.03 21.50 -7.62
C ILE D 188 -2.68 20.09 -8.10
N GLN D 189 -3.32 19.06 -7.53
CA GLN D 189 -3.18 17.64 -7.96
C GLN D 189 -3.91 17.50 -9.29
N THR D 190 -3.32 16.78 -10.24
CA THR D 190 -3.92 16.52 -11.56
C THR D 190 -4.78 15.26 -11.43
N ASP D 191 -6.03 15.28 -11.90
CA ASP D 191 -6.88 14.07 -11.96
C ASP D 191 -6.29 13.15 -13.04
N GLN D 192 -5.75 11.99 -12.62
CA GLN D 192 -5.24 10.90 -13.48
C GLN D 192 -6.19 9.69 -13.42
N THR D 193 -7.46 9.94 -13.07
CA THR D 193 -8.58 8.95 -13.05
C THR D 193 -9.24 8.86 -14.42
N PHE D 194 -9.65 7.67 -14.87
CA PHE D 194 -10.50 7.42 -16.07
C PHE D 194 -9.80 7.91 -17.35
N CYS D 195 -8.57 7.42 -17.60
CA CYS D 195 -7.64 7.96 -18.63
C CYS D 195 -7.31 6.89 -19.67
N ASP D 196 -7.84 7.02 -20.89
CA ASP D 196 -7.47 6.15 -22.05
C ASP D 196 -6.33 6.84 -22.79
#